data_8W76
# 
_entry.id   8W76 
# 
_audit_conform.dict_name       mmcif_pdbx.dic 
_audit_conform.dict_version    5.395 
_audit_conform.dict_location   http://mmcif.pdb.org/dictionaries/ascii/mmcif_pdbx.dic 
# 
loop_
_database_2.database_id 
_database_2.database_code 
_database_2.pdbx_database_accession 
_database_2.pdbx_DOI 
PDB   8W76         pdb_00008w76 10.2210/pdb8w76/pdb 
WWPDB D_1300040658 ?            ?                   
# 
loop_
_pdbx_audit_revision_history.ordinal 
_pdbx_audit_revision_history.data_content_type 
_pdbx_audit_revision_history.major_revision 
_pdbx_audit_revision_history.minor_revision 
_pdbx_audit_revision_history.revision_date 
1 'Structure model' 1 0 2024-08-07 
2 'Structure model' 1 1 2024-09-11 
# 
_pdbx_audit_revision_details.ordinal             1 
_pdbx_audit_revision_details.revision_ordinal    1 
_pdbx_audit_revision_details.data_content_type   'Structure model' 
_pdbx_audit_revision_details.provider            repository 
_pdbx_audit_revision_details.type                'Initial release' 
_pdbx_audit_revision_details.description         ? 
_pdbx_audit_revision_details.details             ? 
# 
_pdbx_audit_revision_group.ordinal             1 
_pdbx_audit_revision_group.revision_ordinal    2 
_pdbx_audit_revision_group.data_content_type   'Structure model' 
_pdbx_audit_revision_group.group               'Database references' 
# 
loop_
_pdbx_audit_revision_category.ordinal 
_pdbx_audit_revision_category.revision_ordinal 
_pdbx_audit_revision_category.data_content_type 
_pdbx_audit_revision_category.category 
1 2 'Structure model' citation        
2 2 'Structure model' citation_author 
# 
loop_
_pdbx_audit_revision_item.ordinal 
_pdbx_audit_revision_item.revision_ordinal 
_pdbx_audit_revision_item.data_content_type 
_pdbx_audit_revision_item.item 
1 2 'Structure model' '_citation.journal_volume'          
2 2 'Structure model' '_citation.page_first'              
3 2 'Structure model' '_citation.page_last'               
4 2 'Structure model' '_citation_author.identifier_ORCID' 
# 
_pdbx_database_status.status_code                     REL 
_pdbx_database_status.status_code_sf                  REL 
_pdbx_database_status.status_code_mr                  ? 
_pdbx_database_status.entry_id                        8W76 
_pdbx_database_status.recvd_initial_deposition_date   2023-08-30 
_pdbx_database_status.SG_entry                        N 
_pdbx_database_status.deposit_site                    PDBJ 
_pdbx_database_status.process_site                    PDBJ 
_pdbx_database_status.status_code_cs                  ? 
_pdbx_database_status.status_code_nmr_data            ? 
_pdbx_database_status.methods_development_category    ? 
_pdbx_database_status.pdb_format_compatible           Y 
# 
_pdbx_contact_author.id                 3 
_pdbx_contact_author.email              mhho@nchu.edu.tw 
_pdbx_contact_author.name_first         Ming-Hon 
_pdbx_contact_author.name_last          Hou 
_pdbx_contact_author.name_mi            ? 
_pdbx_contact_author.role               'principal investigator/group leader' 
_pdbx_contact_author.identifier_ORCID   0000-0003-4170-1527 
# 
loop_
_audit_author.name 
_audit_author.pdbx_ordinal 
_audit_author.identifier_ORCID 
'Satange, R.B.' 1 ? 
'Peng, C.L.'    2 ? 
'Hou, M.H.'     3 ? 
# 
_citation.abstract                  ? 
_citation.abstract_id_CAS           ? 
_citation.book_id_ISBN              ? 
_citation.book_publisher            ? 
_citation.book_publisher_city       ? 
_citation.book_title                ? 
_citation.coordinate_linkage        ? 
_citation.country                   UK 
_citation.database_id_Medline       ? 
_citation.details                   ? 
_citation.id                        primary 
_citation.journal_abbrev            'Nucleic Acids Res.' 
_citation.journal_id_ASTM           NARHAD 
_citation.journal_id_CSD            0389 
_citation.journal_id_ISSN           1362-4962 
_citation.journal_full              ? 
_citation.journal_issue             ? 
_citation.journal_volume            52 
_citation.language                  ? 
_citation.page_first                9303 
_citation.page_last                 9316 
_citation.title                     
'Targeting DNA junction sites by bis-intercalators induces topological changes with potent antitumor effects.' 
_citation.year                      2024 
_citation.database_id_CSD           ? 
_citation.pdbx_database_id_DOI      10.1093/nar/gkae643 
_citation.pdbx_database_id_PubMed   39036959 
_citation.pdbx_database_id_patent   ? 
_citation.unpublished_flag          ? 
# 
loop_
_citation_author.citation_id 
_citation_author.name 
_citation_author.ordinal 
_citation_author.identifier_ORCID 
primary 'Huang, S.C.'  1  ? 
primary 'Chen, C.W.'   2  ? 
primary 'Satange, R.'  3  ? 
primary 'Hsieh, C.C.'  4  ? 
primary 'Chang, C.C.'  5  ? 
primary 'Wang, S.C.'   6  ? 
primary 'Peng, C.L.'   7  ? 
primary 'Chen, T.L.'   8  ? 
primary 'Chiang, M.H.' 9  ? 
primary 'Horng, Y.C.'  10 ? 
primary 'Hou, M.H.'    11 ? 
# 
loop_
_entity.id 
_entity.type 
_entity.src_method 
_entity.pdbx_description 
_entity.formula_weight 
_entity.pdbx_number_of_molecules 
_entity.pdbx_ec 
_entity.pdbx_mutation 
_entity.pdbx_fragment 
_entity.details 
1 polymer     syn 
;DNA (5'-D(P*CP*GP*TP*AP*TP*AP*CP*G)-3')
;
2426.617 2 ? ? ? ? 
2 non-polymer syn 'MANGANESE (II) ION'                      54.938   4 ? ? ? ? 
3 water       nat water                                     18.015   6 ? ? ? ? 
# 
_entity_poly.entity_id                      1 
_entity_poly.type                           polydeoxyribonucleotide 
_entity_poly.nstd_linkage                   no 
_entity_poly.nstd_monomer                   no 
_entity_poly.pdbx_seq_one_letter_code       '(DC)(DG)(DT)(DA)(DT)(DA)(DC)(DG)' 
_entity_poly.pdbx_seq_one_letter_code_can   CGTATACG 
_entity_poly.pdbx_strand_id                 C,D 
_entity_poly.pdbx_target_identifier         ? 
# 
loop_
_pdbx_entity_nonpoly.entity_id 
_pdbx_entity_nonpoly.name 
_pdbx_entity_nonpoly.comp_id 
2 'MANGANESE (II) ION' MN  
3 water                HOH 
# 
loop_
_entity_poly_seq.entity_id 
_entity_poly_seq.num 
_entity_poly_seq.mon_id 
_entity_poly_seq.hetero 
1 1 DC n 
1 2 DG n 
1 3 DT n 
1 4 DA n 
1 5 DT n 
1 6 DA n 
1 7 DC n 
1 8 DG n 
# 
_pdbx_entity_src_syn.entity_id              1 
_pdbx_entity_src_syn.pdbx_src_id            1 
_pdbx_entity_src_syn.pdbx_alt_source_flag   sample 
_pdbx_entity_src_syn.pdbx_beg_seq_num       1 
_pdbx_entity_src_syn.pdbx_end_seq_num       8 
_pdbx_entity_src_syn.organism_scientific    'synthetic construct' 
_pdbx_entity_src_syn.organism_common_name   ? 
_pdbx_entity_src_syn.ncbi_taxonomy_id       32630 
_pdbx_entity_src_syn.details                ? 
# 
loop_
_chem_comp.id 
_chem_comp.type 
_chem_comp.mon_nstd_flag 
_chem_comp.name 
_chem_comp.pdbx_synonyms 
_chem_comp.formula 
_chem_comp.formula_weight 
DA  'DNA linking' y "2'-DEOXYADENOSINE-5'-MONOPHOSPHATE" ? 'C10 H14 N5 O6 P' 331.222 
DC  'DNA linking' y "2'-DEOXYCYTIDINE-5'-MONOPHOSPHATE"  ? 'C9 H14 N3 O7 P'  307.197 
DG  'DNA linking' y "2'-DEOXYGUANOSINE-5'-MONOPHOSPHATE" ? 'C10 H14 N5 O7 P' 347.221 
DT  'DNA linking' y "THYMIDINE-5'-MONOPHOSPHATE"         ? 'C10 H15 N2 O8 P' 322.208 
HOH non-polymer   . WATER                                ? 'H2 O'            18.015  
MN  non-polymer   . 'MANGANESE (II) ION'                 ? 'Mn 2'            54.938  
# 
loop_
_pdbx_poly_seq_scheme.asym_id 
_pdbx_poly_seq_scheme.entity_id 
_pdbx_poly_seq_scheme.seq_id 
_pdbx_poly_seq_scheme.mon_id 
_pdbx_poly_seq_scheme.ndb_seq_num 
_pdbx_poly_seq_scheme.pdb_seq_num 
_pdbx_poly_seq_scheme.auth_seq_num 
_pdbx_poly_seq_scheme.pdb_mon_id 
_pdbx_poly_seq_scheme.auth_mon_id 
_pdbx_poly_seq_scheme.pdb_strand_id 
_pdbx_poly_seq_scheme.pdb_ins_code 
_pdbx_poly_seq_scheme.hetero 
A 1 1 DC 1 1 1 DC DC C . n 
A 1 2 DG 2 2 2 DG DG C . n 
A 1 3 DT 3 3 3 DT DT C . n 
A 1 4 DA 4 4 4 DA DA C . n 
A 1 5 DT 5 5 5 DT DT C . n 
A 1 6 DA 6 6 6 DA DA C . n 
A 1 7 DC 7 7 7 DC DC C . n 
A 1 8 DG 8 8 8 DG DG C . n 
B 1 1 DC 1 1 1 DC DC D . n 
B 1 2 DG 2 2 2 DG DG D . n 
B 1 3 DT 3 3 3 DT DT D . n 
B 1 4 DA 4 4 4 DA DA D . n 
B 1 5 DT 5 5 5 DT DT D . n 
B 1 6 DA 6 6 6 DA DA D . n 
B 1 7 DC 7 7 7 DC DC D . n 
B 1 8 DG 8 8 8 DG DG D . n 
# 
loop_
_pdbx_nonpoly_scheme.asym_id 
_pdbx_nonpoly_scheme.entity_id 
_pdbx_nonpoly_scheme.mon_id 
_pdbx_nonpoly_scheme.ndb_seq_num 
_pdbx_nonpoly_scheme.pdb_seq_num 
_pdbx_nonpoly_scheme.auth_seq_num 
_pdbx_nonpoly_scheme.pdb_mon_id 
_pdbx_nonpoly_scheme.auth_mon_id 
_pdbx_nonpoly_scheme.pdb_strand_id 
_pdbx_nonpoly_scheme.pdb_ins_code 
C 2 MN  1 101 1 MN  MN  C . 
D 2 MN  1 101 2 MN  MN  D . 
E 2 MN  1 102 3 MN  MN  D . 
F 2 MN  1 103 4 MN  MN  D . 
G 3 HOH 1 201 3 HOH HOH C . 
G 3 HOH 2 202 1 HOH HOH C . 
H 3 HOH 1 201 5 HOH HOH D . 
H 3 HOH 2 202 8 HOH HOH D . 
H 3 HOH 3 203 6 HOH HOH D . 
H 3 HOH 4 204 7 HOH HOH D . 
# 
loop_
_software.citation_id 
_software.classification 
_software.compiler_name 
_software.compiler_version 
_software.contact_author 
_software.contact_author_email 
_software.date 
_software.description 
_software.dependencies 
_software.hardware 
_software.language 
_software.location 
_software.mods 
_software.name 
_software.os 
_software.os_version 
_software.type 
_software.version 
_software.pdbx_ordinal 
? refinement       ? ? ? ? ? ? ? ? ? ? ? PHENIX   ? ? ? '(1.17.1_3660: ???)' 1 
? 'data scaling'   ? ? ? ? ? ? ? ? ? ? ? HKL-2000 ? ? ? .                    2 
? 'data reduction' ? ? ? ? ? ? ? ? ? ? ? HKL-2000 ? ? ? .                    3 
? phasing          ? ? ? ? ? ? ? ? ? ? ? PHENIX   ? ? ? .                    4 
# 
_cell.angle_alpha                  90.00 
_cell.angle_alpha_esd              ? 
_cell.angle_beta                   90.00 
_cell.angle_beta_esd               ? 
_cell.angle_gamma                  90.00 
_cell.angle_gamma_esd              ? 
_cell.entry_id                     8W76 
_cell.details                      ? 
_cell.formula_units_Z              ? 
_cell.length_a                     37.614 
_cell.length_a_esd                 ? 
_cell.length_b                     37.614 
_cell.length_b_esd                 ? 
_cell.length_c                     77.994 
_cell.length_c_esd                 ? 
_cell.volume                       ? 
_cell.volume_esd                   ? 
_cell.Z_PDB                        16 
_cell.reciprocal_angle_alpha       ? 
_cell.reciprocal_angle_beta        ? 
_cell.reciprocal_angle_gamma       ? 
_cell.reciprocal_angle_alpha_esd   ? 
_cell.reciprocal_angle_beta_esd    ? 
_cell.reciprocal_angle_gamma_esd   ? 
_cell.reciprocal_length_a          ? 
_cell.reciprocal_length_b          ? 
_cell.reciprocal_length_c          ? 
_cell.reciprocal_length_a_esd      ? 
_cell.reciprocal_length_b_esd      ? 
_cell.reciprocal_length_c_esd      ? 
_cell.pdbx_unique_axis             ? 
_cell.pdbx_esd_method              ? 
# 
_symmetry.entry_id                         8W76 
_symmetry.cell_setting                     ? 
_symmetry.Int_Tables_number                92 
_symmetry.space_group_name_Hall            ? 
_symmetry.space_group_name_H-M             'P 41 21 2' 
_symmetry.pdbx_full_space_group_name_H-M   ? 
# 
_exptl.absorpt_coefficient_mu     ? 
_exptl.absorpt_correction_T_max   ? 
_exptl.absorpt_correction_T_min   ? 
_exptl.absorpt_correction_type    ? 
_exptl.absorpt_process_details    ? 
_exptl.entry_id                   8W76 
_exptl.crystals_number            1 
_exptl.details                    ? 
_exptl.method                     'X-RAY DIFFRACTION' 
_exptl.method_details             ? 
# 
_exptl_crystal.colour                       ? 
_exptl_crystal.density_diffrn               ? 
_exptl_crystal.density_Matthews             2.84 
_exptl_crystal.density_method               ? 
_exptl_crystal.density_percent_sol          56.72 
_exptl_crystal.description                  ? 
_exptl_crystal.F_000                        ? 
_exptl_crystal.id                           1 
_exptl_crystal.preparation                  ? 
_exptl_crystal.size_max                     ? 
_exptl_crystal.size_mid                     ? 
_exptl_crystal.size_min                     ? 
_exptl_crystal.size_rad                     ? 
_exptl_crystal.colour_lustre                ? 
_exptl_crystal.colour_modifier              ? 
_exptl_crystal.colour_primary               ? 
_exptl_crystal.density_meas                 ? 
_exptl_crystal.density_meas_esd             ? 
_exptl_crystal.density_meas_gt              ? 
_exptl_crystal.density_meas_lt              ? 
_exptl_crystal.density_meas_temp            ? 
_exptl_crystal.density_meas_temp_esd        ? 
_exptl_crystal.density_meas_temp_gt         ? 
_exptl_crystal.density_meas_temp_lt         ? 
_exptl_crystal.pdbx_crystal_image_url       ? 
_exptl_crystal.pdbx_crystal_image_format    ? 
_exptl_crystal.pdbx_mosaicity               ? 
_exptl_crystal.pdbx_mosaicity_esd           ? 
_exptl_crystal.pdbx_mosaic_method           ? 
_exptl_crystal.pdbx_mosaic_block_size       ? 
_exptl_crystal.pdbx_mosaic_block_size_esd   ? 
# 
_exptl_crystal_grow.apparatus       ? 
_exptl_crystal_grow.atmosphere      ? 
_exptl_crystal_grow.crystal_id      1 
_exptl_crystal_grow.details         ? 
_exptl_crystal_grow.method          'VAPOR DIFFUSION, SITTING DROP' 
_exptl_crystal_grow.method_ref      ? 
_exptl_crystal_grow.pH              ? 
_exptl_crystal_grow.pressure        ? 
_exptl_crystal_grow.pressure_esd    ? 
_exptl_crystal_grow.seeding         ? 
_exptl_crystal_grow.seeding_ref     ? 
_exptl_crystal_grow.temp_details    ? 
_exptl_crystal_grow.temp_esd        ? 
_exptl_crystal_grow.time            ? 
_exptl_crystal_grow.pdbx_details    
;1.0mM Oligonucleotides, 50mM Bis-tris (pH 7.0), 20mM sodium chloride, 10mM calcium chloride, 80mM potassium chloride, 7mM manganese(II) chloride tetrahydrate, 10% PEG 2000, 50% Reservior PEG 2000
;
_exptl_crystal_grow.pdbx_pH_range   ? 
_exptl_crystal_grow.temp            293 
# 
_diffrn.ambient_environment              ? 
_diffrn.ambient_temp                     100 
_diffrn.ambient_temp_details             ? 
_diffrn.ambient_temp_esd                 ? 
_diffrn.crystal_id                       1 
_diffrn.crystal_support                  ? 
_diffrn.crystal_treatment                ? 
_diffrn.details                          ? 
_diffrn.id                               1 
_diffrn.ambient_pressure                 ? 
_diffrn.ambient_pressure_esd             ? 
_diffrn.ambient_pressure_gt              ? 
_diffrn.ambient_pressure_lt              ? 
_diffrn.ambient_temp_gt                  ? 
_diffrn.ambient_temp_lt                  ? 
_diffrn.pdbx_serial_crystal_experiment   N 
# 
_diffrn_detector.details                      ? 
_diffrn_detector.detector                     CCD 
_diffrn_detector.diffrn_id                    1 
_diffrn_detector.type                         'RAYONIX MX300HE' 
_diffrn_detector.area_resol_mean              ? 
_diffrn_detector.dtime                        ? 
_diffrn_detector.pdbx_frames_total            ? 
_diffrn_detector.pdbx_collection_time_total   ? 
_diffrn_detector.pdbx_collection_date         2020-10-24 
_diffrn_detector.pdbx_frequency               ? 
_diffrn_detector.id                           ? 
_diffrn_detector.number_of_axes               ? 
# 
_diffrn_radiation.collimation                      ? 
_diffrn_radiation.diffrn_id                        1 
_diffrn_radiation.filter_edge                      ? 
_diffrn_radiation.inhomogeneity                    ? 
_diffrn_radiation.monochromator                    ? 
_diffrn_radiation.polarisn_norm                    ? 
_diffrn_radiation.polarisn_ratio                   ? 
_diffrn_radiation.probe                            ? 
_diffrn_radiation.type                             ? 
_diffrn_radiation.xray_symbol                      ? 
_diffrn_radiation.wavelength_id                    1 
_diffrn_radiation.pdbx_monochromatic_or_laue_m_l   M 
_diffrn_radiation.pdbx_wavelength_list             ? 
_diffrn_radiation.pdbx_wavelength                  ? 
_diffrn_radiation.pdbx_diffrn_protocol             'SINGLE WAVELENGTH' 
_diffrn_radiation.pdbx_analyzer                    ? 
_diffrn_radiation.pdbx_scattering_type             x-ray 
# 
_diffrn_radiation_wavelength.id           1 
_diffrn_radiation_wavelength.wavelength   1.0 
_diffrn_radiation_wavelength.wt           1.0 
# 
_diffrn_source.current                     ? 
_diffrn_source.details                     ? 
_diffrn_source.diffrn_id                   1 
_diffrn_source.power                       ? 
_diffrn_source.size                        ? 
_diffrn_source.source                      SYNCHROTRON 
_diffrn_source.target                      ? 
_diffrn_source.type                        'NSRRC BEAMLINE BL15A1' 
_diffrn_source.voltage                     ? 
_diffrn_source.take-off_angle              ? 
_diffrn_source.pdbx_wavelength_list        1.0 
_diffrn_source.pdbx_wavelength             ? 
_diffrn_source.pdbx_synchrotron_beamline   BL15A1 
_diffrn_source.pdbx_synchrotron_site       NSRRC 
# 
_reflns.B_iso_Wilson_estimate                          ? 
_reflns.entry_id                                       8W76 
_reflns.data_reduction_details                         ? 
_reflns.data_reduction_method                          ? 
_reflns.d_resolution_high                              2.70 
_reflns.d_resolution_low                               30.00 
_reflns.details                                        ? 
_reflns.limit_h_max                                    ? 
_reflns.limit_h_min                                    ? 
_reflns.limit_k_max                                    ? 
_reflns.limit_k_min                                    ? 
_reflns.limit_l_max                                    ? 
_reflns.limit_l_min                                    ? 
_reflns.number_all                                     ? 
_reflns.number_obs                                     1753 
_reflns.observed_criterion                             ? 
_reflns.observed_criterion_F_max                       ? 
_reflns.observed_criterion_F_min                       ? 
_reflns.observed_criterion_I_max                       ? 
_reflns.observed_criterion_I_min                       ? 
_reflns.observed_criterion_sigma_F                     ? 
_reflns.observed_criterion_sigma_I                     ? 
_reflns.percent_possible_obs                           99.3 
_reflns.R_free_details                                 ? 
_reflns.Rmerge_F_all                                   ? 
_reflns.Rmerge_F_obs                                   ? 
_reflns.Friedel_coverage                               ? 
_reflns.number_gt                                      ? 
_reflns.threshold_expression                           ? 
_reflns.pdbx_redundancy                                9.5 
_reflns.pdbx_netI_over_av_sigmaI                       ? 
_reflns.pdbx_netI_over_sigmaI                          25.1 
_reflns.pdbx_res_netI_over_av_sigmaI_2                 ? 
_reflns.pdbx_res_netI_over_sigmaI_2                    ? 
_reflns.pdbx_chi_squared                               ? 
_reflns.pdbx_scaling_rejects                           ? 
_reflns.pdbx_d_res_high_opt                            ? 
_reflns.pdbx_d_res_low_opt                             ? 
_reflns.pdbx_d_res_opt_method                          ? 
_reflns.phase_calculation_details                      ? 
_reflns.pdbx_Rrim_I_all                                ? 
_reflns.pdbx_Rpim_I_all                                ? 
_reflns.pdbx_d_opt                                     ? 
_reflns.pdbx_number_measured_all                       ? 
_reflns.pdbx_diffrn_id                                 1 
_reflns.pdbx_ordinal                                   1 
_reflns.pdbx_CC_half                                   ? 
_reflns.pdbx_CC_star                                   ? 
_reflns.pdbx_R_split                                   ? 
_reflns.pdbx_Rmerge_I_obs                              ? 
_reflns.pdbx_Rmerge_I_all                              ? 
_reflns.pdbx_Rsym_value                                0.033 
_reflns.pdbx_CC_split_method                           ? 
_reflns.pdbx_aniso_diffraction_limit_axis_1_ortho[1]   ? 
_reflns.pdbx_aniso_diffraction_limit_axis_1_ortho[2]   ? 
_reflns.pdbx_aniso_diffraction_limit_axis_1_ortho[3]   ? 
_reflns.pdbx_aniso_diffraction_limit_axis_2_ortho[1]   ? 
_reflns.pdbx_aniso_diffraction_limit_axis_2_ortho[2]   ? 
_reflns.pdbx_aniso_diffraction_limit_axis_2_ortho[3]   ? 
_reflns.pdbx_aniso_diffraction_limit_axis_3_ortho[1]   ? 
_reflns.pdbx_aniso_diffraction_limit_axis_3_ortho[2]   ? 
_reflns.pdbx_aniso_diffraction_limit_axis_3_ortho[3]   ? 
_reflns.pdbx_aniso_diffraction_limit_1                 ? 
_reflns.pdbx_aniso_diffraction_limit_2                 ? 
_reflns.pdbx_aniso_diffraction_limit_3                 ? 
_reflns.pdbx_aniso_B_tensor_eigenvector_1_ortho[1]     ? 
_reflns.pdbx_aniso_B_tensor_eigenvector_1_ortho[2]     ? 
_reflns.pdbx_aniso_B_tensor_eigenvector_1_ortho[3]     ? 
_reflns.pdbx_aniso_B_tensor_eigenvector_2_ortho[1]     ? 
_reflns.pdbx_aniso_B_tensor_eigenvector_2_ortho[2]     ? 
_reflns.pdbx_aniso_B_tensor_eigenvector_2_ortho[3]     ? 
_reflns.pdbx_aniso_B_tensor_eigenvector_3_ortho[1]     ? 
_reflns.pdbx_aniso_B_tensor_eigenvector_3_ortho[2]     ? 
_reflns.pdbx_aniso_B_tensor_eigenvector_3_ortho[3]     ? 
_reflns.pdbx_aniso_B_tensor_eigenvalue_1               ? 
_reflns.pdbx_aniso_B_tensor_eigenvalue_2               ? 
_reflns.pdbx_aniso_B_tensor_eigenvalue_3               ? 
_reflns.pdbx_orthogonalization_convention              ? 
_reflns.pdbx_percent_possible_ellipsoidal              ? 
_reflns.pdbx_percent_possible_spherical                ? 
_reflns.pdbx_percent_possible_ellipsoidal_anomalous    ? 
_reflns.pdbx_percent_possible_spherical_anomalous      ? 
_reflns.pdbx_redundancy_anomalous                      ? 
_reflns.pdbx_CC_half_anomalous                         ? 
_reflns.pdbx_absDiff_over_sigma_anomalous              ? 
_reflns.pdbx_percent_possible_anomalous                ? 
_reflns.pdbx_observed_signal_threshold                 ? 
_reflns.pdbx_signal_type                               ? 
_reflns.pdbx_signal_details                            ? 
_reflns.pdbx_signal_software_id                        ? 
# 
loop_
_reflns_shell.d_res_high 
_reflns_shell.d_res_low 
_reflns_shell.meanI_over_sigI_all 
_reflns_shell.meanI_over_sigI_obs 
_reflns_shell.number_measured_all 
_reflns_shell.number_measured_obs 
_reflns_shell.number_possible 
_reflns_shell.number_unique_all 
_reflns_shell.number_unique_obs 
_reflns_shell.percent_possible_obs 
_reflns_shell.Rmerge_F_all 
_reflns_shell.Rmerge_F_obs 
_reflns_shell.meanI_over_sigI_gt 
_reflns_shell.meanI_over_uI_all 
_reflns_shell.meanI_over_uI_gt 
_reflns_shell.number_measured_gt 
_reflns_shell.number_unique_gt 
_reflns_shell.percent_possible_gt 
_reflns_shell.Rmerge_F_gt 
_reflns_shell.Rmerge_I_gt 
_reflns_shell.pdbx_redundancy 
_reflns_shell.pdbx_chi_squared 
_reflns_shell.pdbx_netI_over_sigmaI_all 
_reflns_shell.pdbx_netI_over_sigmaI_obs 
_reflns_shell.pdbx_Rrim_I_all 
_reflns_shell.pdbx_Rpim_I_all 
_reflns_shell.pdbx_rejects 
_reflns_shell.pdbx_ordinal 
_reflns_shell.pdbx_diffrn_id 
_reflns_shell.pdbx_CC_half 
_reflns_shell.pdbx_CC_star 
_reflns_shell.pdbx_R_split 
_reflns_shell.percent_possible_all 
_reflns_shell.Rmerge_I_all 
_reflns_shell.Rmerge_I_obs 
_reflns_shell.pdbx_Rsym_value 
_reflns_shell.pdbx_percent_possible_ellipsoidal 
_reflns_shell.pdbx_percent_possible_spherical 
_reflns_shell.pdbx_percent_possible_ellipsoidal_anomalous 
_reflns_shell.pdbx_percent_possible_spherical_anomalous 
_reflns_shell.pdbx_redundancy_anomalous 
_reflns_shell.pdbx_CC_half_anomalous 
_reflns_shell.pdbx_absDiff_over_sigma_anomalous 
_reflns_shell.pdbx_percent_possible_anomalous 
2.70 2.80  ? ? ? ? ? ? 162 ? ? ? ? ? ? ? ? ? ? ? 10.5 1.042 ? ? 0.129 0.039 ? 1  1 0.999 1.000 ? 100.0 ? 0.123 ? ? ? ? ? ? ? ? ? 
2.80 2.91  ? ? ? ? ? ? 165 ? ? ? ? ? ? ? ? ? ? ? 10.2 1.003 ? ? 0.102 0.031 ? 2  1 0.998 0.999 ? 100.0 ? 0.097 ? ? ? ? ? ? ? ? ? 
2.91 3.04  ? ? ? ? ? ? 166 ? ? ? ? ? ? ? ? ? ? ? 10.4 1.057 ? ? 0.082 0.024 ? 3  1 0.999 1.000 ? 100.0 ? 0.078 ? ? ? ? ? ? ? ? ? 
3.04 3.20  ? ? ? ? ? ? 172 ? ? ? ? ? ? ? ? ? ? ? 10.4 1.029 ? ? 0.041 0.012 ? 4  1 1.000 1.000 ? 100.0 ? 0.039 ? ? ? ? ? ? ? ? ? 
3.20 3.40  ? ? ? ? ? ? 171 ? ? ? ? ? ? ? ? ? ? ? 9.8  0.991 ? ? 0.023 0.007 ? 5  1 1.000 1.000 ? 99.4  ? 0.021 ? ? ? ? ? ? ? ? ? 
3.40 3.66  ? ? ? ? ? ? 167 ? ? ? ? ? ? ? ? ? ? ? 9.5  1.071 ? ? 0.042 0.013 ? 6  1 1.000 1.000 ? 100.0 ? 0.040 ? ? ? ? ? ? ? ? ? 
3.66 4.03  ? ? ? ? ? ? 178 ? ? ? ? ? ? ? ? ? ? ? 8.6  1.010 ? ? 0.037 0.012 ? 7  1 0.999 1.000 ? 100.0 ? 0.035 ? ? ? ? ? ? ? ? ? 
4.03 4.61  ? ? ? ? ? ? 178 ? ? ? ? ? ? ? ? ? ? ? 9.4  1.005 ? ? 0.032 0.010 ? 8  1 1.000 1.000 ? 98.9  ? 0.031 ? ? ? ? ? ? ? ? ? 
4.61 5.80  ? ? ? ? ? ? 183 ? ? ? ? ? ? ? ? ? ? ? 9.4  1.026 ? ? 0.034 0.011 ? 9  1 1.000 1.000 ? 98.9  ? 0.032 ? ? ? ? ? ? ? ? ? 
5.80 30.00 ? ? ? ? ? ? 211 ? ? ? ? ? ? ? ? ? ? ? 7.8  1.005 ? ? 0.039 0.013 ? 10 1 0.999 1.000 ? 96.8  ? 0.037 ? ? ? ? ? ? ? ? ? 
# 
_refine.aniso_B[1][1]                            ? 
_refine.aniso_B[1][2]                            ? 
_refine.aniso_B[1][3]                            ? 
_refine.aniso_B[2][2]                            ? 
_refine.aniso_B[2][3]                            ? 
_refine.aniso_B[3][3]                            ? 
_refine.B_iso_max                                ? 
_refine.B_iso_mean                               ? 
_refine.B_iso_min                                ? 
_refine.correlation_coeff_Fo_to_Fc               ? 
_refine.correlation_coeff_Fo_to_Fc_free          ? 
_refine.details                                  ? 
_refine.diff_density_max                         ? 
_refine.diff_density_max_esd                     ? 
_refine.diff_density_min                         ? 
_refine.diff_density_min_esd                     ? 
_refine.diff_density_rms                         ? 
_refine.diff_density_rms_esd                     ? 
_refine.entry_id                                 8W76 
_refine.pdbx_refine_id                           'X-RAY DIFFRACTION' 
_refine.ls_abs_structure_details                 ? 
_refine.ls_abs_structure_Flack                   ? 
_refine.ls_abs_structure_Flack_esd               ? 
_refine.ls_abs_structure_Rogers                  ? 
_refine.ls_abs_structure_Rogers_esd              ? 
_refine.ls_d_res_high                            2.71 
_refine.ls_d_res_low                             27.07 
_refine.ls_extinction_coef                       ? 
_refine.ls_extinction_coef_esd                   ? 
_refine.ls_extinction_expression                 ? 
_refine.ls_extinction_method                     ? 
_refine.ls_goodness_of_fit_all                   ? 
_refine.ls_goodness_of_fit_all_esd               ? 
_refine.ls_goodness_of_fit_obs                   ? 
_refine.ls_goodness_of_fit_obs_esd               ? 
_refine.ls_hydrogen_treatment                    ? 
_refine.ls_matrix_type                           ? 
_refine.ls_number_constraints                    ? 
_refine.ls_number_parameters                     ? 
_refine.ls_number_reflns_all                     ? 
_refine.ls_number_reflns_obs                     1698 
_refine.ls_number_reflns_R_free                  169 
_refine.ls_number_reflns_R_work                  ? 
_refine.ls_number_restraints                     ? 
_refine.ls_percent_reflns_obs                    97.64 
_refine.ls_percent_reflns_R_free                 9.95 
_refine.ls_R_factor_all                          ? 
_refine.ls_R_factor_obs                          0.2260 
_refine.ls_R_factor_R_free                       0.2680 
_refine.ls_R_factor_R_free_error                 ? 
_refine.ls_R_factor_R_free_error_details         ? 
_refine.ls_R_factor_R_work                       0.2214 
_refine.ls_R_Fsqd_factor_obs                     ? 
_refine.ls_R_I_factor_obs                        ? 
_refine.ls_redundancy_reflns_all                 ? 
_refine.ls_redundancy_reflns_obs                 ? 
_refine.ls_restrained_S_all                      ? 
_refine.ls_restrained_S_obs                      ? 
_refine.ls_shift_over_esd_max                    ? 
_refine.ls_shift_over_esd_mean                   ? 
_refine.ls_structure_factor_coef                 ? 
_refine.ls_weighting_details                     ? 
_refine.ls_weighting_scheme                      ? 
_refine.ls_wR_factor_all                         ? 
_refine.ls_wR_factor_obs                         ? 
_refine.ls_wR_factor_R_free                      ? 
_refine.ls_wR_factor_R_work                      ? 
_refine.occupancy_max                            ? 
_refine.occupancy_min                            ? 
_refine.solvent_model_details                    'FLAT BULK SOLVENT MODEL' 
_refine.solvent_model_param_bsol                 ? 
_refine.solvent_model_param_ksol                 ? 
_refine.pdbx_R_complete                          ? 
_refine.ls_R_factor_gt                           ? 
_refine.ls_goodness_of_fit_gt                    ? 
_refine.ls_goodness_of_fit_ref                   ? 
_refine.ls_shift_over_su_max                     ? 
_refine.ls_shift_over_su_max_lt                  ? 
_refine.ls_shift_over_su_mean                    ? 
_refine.ls_shift_over_su_mean_lt                 ? 
_refine.pdbx_ls_sigma_I                          ? 
_refine.pdbx_ls_sigma_F                          1.35 
_refine.pdbx_ls_sigma_Fsqd                       ? 
_refine.pdbx_data_cutoff_high_absF               ? 
_refine.pdbx_data_cutoff_high_rms_absF           ? 
_refine.pdbx_data_cutoff_low_absF                ? 
_refine.pdbx_isotropic_thermal_model             ? 
_refine.pdbx_ls_cross_valid_method               NONE 
_refine.pdbx_method_to_determine_struct          'MOLECULAR REPLACEMENT' 
_refine.pdbx_starting_model                      ? 
_refine.pdbx_stereochemistry_target_values       ML 
_refine.pdbx_R_Free_selection_details            ? 
_refine.pdbx_stereochem_target_val_spec_case     ? 
_refine.pdbx_overall_ESU_R                       ? 
_refine.pdbx_overall_ESU_R_Free                  ? 
_refine.pdbx_solvent_vdw_probe_radii             1.11 
_refine.pdbx_solvent_ion_probe_radii             ? 
_refine.pdbx_solvent_shrinkage_radii             0.90 
_refine.pdbx_real_space_R                        ? 
_refine.pdbx_density_correlation                 ? 
_refine.pdbx_pd_number_of_powder_patterns        ? 
_refine.pdbx_pd_number_of_points                 ? 
_refine.pdbx_pd_meas_number_of_points            ? 
_refine.pdbx_pd_proc_ls_prof_R_factor            ? 
_refine.pdbx_pd_proc_ls_prof_wR_factor           ? 
_refine.pdbx_pd_Marquardt_correlation_coeff      ? 
_refine.pdbx_pd_Fsqrd_R_factor                   ? 
_refine.pdbx_pd_ls_matrix_band_width             ? 
_refine.pdbx_overall_phase_error                 23.04 
_refine.pdbx_overall_SU_R_free_Cruickshank_DPI   ? 
_refine.pdbx_overall_SU_R_free_Blow_DPI          ? 
_refine.pdbx_overall_SU_R_Blow_DPI               ? 
_refine.pdbx_TLS_residual_ADP_flag               ? 
_refine.pdbx_diffrn_id                           1 
_refine.overall_SU_B                             ? 
_refine.overall_SU_ML                            0.10 
_refine.overall_SU_R_Cruickshank_DPI             ? 
_refine.overall_SU_R_free                        ? 
_refine.overall_FOM_free_R_set                   ? 
_refine.overall_FOM_work_R_set                   ? 
_refine.pdbx_average_fsc_overall                 ? 
_refine.pdbx_average_fsc_work                    ? 
_refine.pdbx_average_fsc_free                    ? 
# 
_refine_hist.pdbx_refine_id                   'X-RAY DIFFRACTION' 
_refine_hist.cycle_id                         LAST 
_refine_hist.pdbx_number_atoms_protein        0 
_refine_hist.pdbx_number_atoms_nucleic_acid   328 
_refine_hist.pdbx_number_atoms_ligand         4 
_refine_hist.number_atoms_solvent             6 
_refine_hist.number_atoms_total               338 
_refine_hist.d_res_high                       2.71 
_refine_hist.d_res_low                        27.07 
# 
loop_
_refine_ls_restr.pdbx_refine_id 
_refine_ls_restr.criterion 
_refine_ls_restr.dev_ideal 
_refine_ls_restr.dev_ideal_target 
_refine_ls_restr.number 
_refine_ls_restr.rejects 
_refine_ls_restr.type 
_refine_ls_restr.weight 
_refine_ls_restr.pdbx_restraint_function 
'X-RAY DIFFRACTION' ? 0.004  ? 366 ? f_bond_d           ? ? 
'X-RAY DIFFRACTION' ? 0.640  ? 560 ? f_angle_d          ? ? 
'X-RAY DIFFRACTION' ? 34.534 ? 154 ? f_dihedral_angle_d ? ? 
'X-RAY DIFFRACTION' ? 0.030  ? 64  ? f_chiral_restr     ? ? 
'X-RAY DIFFRACTION' ? 0.002  ? 16  ? f_plane_restr      ? ? 
# 
_refine_ls_shell.R_factor_R_free                  0.26 
_refine_ls_shell.R_factor_R_free_error            ? 
_refine_ls_shell.R_factor_R_work                  0.22 
_refine_ls_shell.R_factor_all                     ? 
_refine_ls_shell.R_factor_obs                     ? 
_refine_ls_shell.d_res_high                       2.70 
_refine_ls_shell.d_res_low                        2.80 
_refine_ls_shell.number_reflns_R_free             ? 
_refine_ls_shell.number_reflns_R_work             ? 
_refine_ls_shell.number_reflns_all                ? 
_refine_ls_shell.number_reflns_obs                1753 
_refine_ls_shell.pdbx_R_complete                  ? 
_refine_ls_shell.pdbx_fsc_free                    ? 
_refine_ls_shell.pdbx_fsc_work                    ? 
_refine_ls_shell.pdbx_phase_error                 ? 
_refine_ls_shell.pdbx_refine_id                   'X-RAY DIFFRACTION' 
_refine_ls_shell.pdbx_total_number_of_bins_used   ? 
_refine_ls_shell.percent_reflns_R_free            ? 
_refine_ls_shell.percent_reflns_obs               100 
_refine_ls_shell.redundancy_reflns_all            ? 
_refine_ls_shell.redundancy_reflns_obs            ? 
_refine_ls_shell.wR_factor_R_free                 ? 
_refine_ls_shell.wR_factor_R_work                 ? 
_refine_ls_shell.wR_factor_all                    ? 
_refine_ls_shell.wR_factor_obs                    ? 
# 
_struct.entry_id                     8W76 
_struct.title                        'Crystal structure of d(CGTATACG)2 duplex' 
_struct.pdbx_model_details           ? 
_struct.pdbx_formula_weight          ? 
_struct.pdbx_formula_weight_method   ? 
_struct.pdbx_model_type_details      ? 
_struct.pdbx_CASP_flag               N 
# 
_struct_keywords.entry_id        8W76 
_struct_keywords.text            'DNA, end-to-end junction, helix-helix junction' 
_struct_keywords.pdbx_keywords   DNA 
# 
loop_
_struct_asym.id 
_struct_asym.pdbx_blank_PDB_chainid_flag 
_struct_asym.pdbx_modified 
_struct_asym.entity_id 
_struct_asym.details 
A N N 1 ? 
B N N 1 ? 
C N N 2 ? 
D N N 2 ? 
E N N 2 ? 
F N N 2 ? 
G N N 3 ? 
H N N 3 ? 
# 
_struct_ref.id                         1 
_struct_ref.db_name                    PDB 
_struct_ref.db_code                    8W76 
_struct_ref.pdbx_db_accession          8W76 
_struct_ref.pdbx_db_isoform            ? 
_struct_ref.entity_id                  1 
_struct_ref.pdbx_seq_one_letter_code   ? 
_struct_ref.pdbx_align_begin           1 
# 
loop_
_struct_ref_seq.align_id 
_struct_ref_seq.ref_id 
_struct_ref_seq.pdbx_PDB_id_code 
_struct_ref_seq.pdbx_strand_id 
_struct_ref_seq.seq_align_beg 
_struct_ref_seq.pdbx_seq_align_beg_ins_code 
_struct_ref_seq.seq_align_end 
_struct_ref_seq.pdbx_seq_align_end_ins_code 
_struct_ref_seq.pdbx_db_accession 
_struct_ref_seq.db_align_beg 
_struct_ref_seq.pdbx_db_align_beg_ins_code 
_struct_ref_seq.db_align_end 
_struct_ref_seq.pdbx_db_align_end_ins_code 
_struct_ref_seq.pdbx_auth_seq_align_beg 
_struct_ref_seq.pdbx_auth_seq_align_end 
1 1 8W76 C 1 ? 8 ? 8W76 1 ? 8 ? 1 8 
2 1 8W76 D 1 ? 8 ? 8W76 1 ? 8 ? 1 8 
# 
_pdbx_struct_assembly.id                   1 
_pdbx_struct_assembly.details              author_and_software_defined_assembly 
_pdbx_struct_assembly.method_details       PISA 
_pdbx_struct_assembly.oligomeric_details   dimeric 
_pdbx_struct_assembly.oligomeric_count     2 
# 
loop_
_pdbx_struct_assembly_prop.biol_id 
_pdbx_struct_assembly_prop.type 
_pdbx_struct_assembly_prop.value 
_pdbx_struct_assembly_prop.details 
1 'ABSA (A^2)' 760  ? 
1 MORE         -9   ? 
1 'SSA (A^2)'  3740 ? 
# 
_pdbx_struct_assembly_gen.assembly_id       1 
_pdbx_struct_assembly_gen.oper_expression   1 
_pdbx_struct_assembly_gen.asym_id_list      A,B,C,D,E,F,G,H 
# 
_pdbx_struct_assembly_auth_evidence.id                     1 
_pdbx_struct_assembly_auth_evidence.assembly_id            1 
_pdbx_struct_assembly_auth_evidence.experimental_support   none 
_pdbx_struct_assembly_auth_evidence.details                ? 
# 
_pdbx_struct_oper_list.id                   1 
_pdbx_struct_oper_list.type                 'identity operation' 
_pdbx_struct_oper_list.name                 1_555 
_pdbx_struct_oper_list.symmetry_operation   x,y,z 
_pdbx_struct_oper_list.matrix[1][1]         1.0000000000 
_pdbx_struct_oper_list.matrix[1][2]         0.0000000000 
_pdbx_struct_oper_list.matrix[1][3]         0.0000000000 
_pdbx_struct_oper_list.vector[1]            0.0000000000 
_pdbx_struct_oper_list.matrix[2][1]         0.0000000000 
_pdbx_struct_oper_list.matrix[2][2]         1.0000000000 
_pdbx_struct_oper_list.matrix[2][3]         0.0000000000 
_pdbx_struct_oper_list.vector[2]            0.0000000000 
_pdbx_struct_oper_list.matrix[3][1]         0.0000000000 
_pdbx_struct_oper_list.matrix[3][2]         0.0000000000 
_pdbx_struct_oper_list.matrix[3][3]         1.0000000000 
_pdbx_struct_oper_list.vector[3]            0.0000000000 
# 
loop_
_struct_conn.id 
_struct_conn.conn_type_id 
_struct_conn.pdbx_leaving_atom_flag 
_struct_conn.pdbx_PDB_id 
_struct_conn.ptnr1_label_asym_id 
_struct_conn.ptnr1_label_comp_id 
_struct_conn.ptnr1_label_seq_id 
_struct_conn.ptnr1_label_atom_id 
_struct_conn.pdbx_ptnr1_label_alt_id 
_struct_conn.pdbx_ptnr1_PDB_ins_code 
_struct_conn.pdbx_ptnr1_standard_comp_id 
_struct_conn.ptnr1_symmetry 
_struct_conn.ptnr2_label_asym_id 
_struct_conn.ptnr2_label_comp_id 
_struct_conn.ptnr2_label_seq_id 
_struct_conn.ptnr2_label_atom_id 
_struct_conn.pdbx_ptnr2_label_alt_id 
_struct_conn.pdbx_ptnr2_PDB_ins_code 
_struct_conn.ptnr1_auth_asym_id 
_struct_conn.ptnr1_auth_comp_id 
_struct_conn.ptnr1_auth_seq_id 
_struct_conn.ptnr2_auth_asym_id 
_struct_conn.ptnr2_auth_comp_id 
_struct_conn.ptnr2_auth_seq_id 
_struct_conn.ptnr2_symmetry 
_struct_conn.pdbx_ptnr3_label_atom_id 
_struct_conn.pdbx_ptnr3_label_seq_id 
_struct_conn.pdbx_ptnr3_label_comp_id 
_struct_conn.pdbx_ptnr3_label_asym_id 
_struct_conn.pdbx_ptnr3_label_alt_id 
_struct_conn.pdbx_ptnr3_PDB_ins_code 
_struct_conn.details 
_struct_conn.pdbx_dist_value 
_struct_conn.pdbx_value_order 
_struct_conn.pdbx_role 
metalc1  metalc ? ? A DG 8 OP2   ? ? ? 1_555 C MN  . MN ? ? C DG 8   C MN  101 1_555 ? ? ? ? ? ? ?            2.008 ? ? 
metalc2  metalc ? ? A DG 8 N7    ? ? ? 1_555 C MN  . MN ? ? C DG 8   C MN  101 1_555 ? ? ? ? ? ? ?            1.840 ? ? 
metalc3  metalc ? ? A DG 8 OP2   ? ? ? 1_555 C MN  . MN ? ? C DG 8   C MN  101 7_555 ? ? ? ? ? ? ?            2.177 ? ? 
metalc4  metalc ? ? A DG 8 OP1   ? ? ? 1_555 E MN  . MN ? ? C DG 8   D MN  102 4_554 ? ? ? ? ? ? ?            2.462 ? ? 
metalc5  metalc ? ? A DG 8 "O3'" ? ? ? 1_555 E MN  . MN ? ? C DG 8   D MN  102 5_555 ? ? ? ? ? ? ?            2.533 ? ? 
metalc6  metalc ? ? C MN . MN    ? ? ? 1_555 G HOH . O  ? ? C MN 101 C HOH 201 1_555 ? ? ? ? ? ? ?            2.124 ? ? 
metalc7  metalc ? ? C MN . MN    ? ? ? 1_555 G HOH . O  ? ? C MN 101 C HOH 201 7_555 ? ? ? ? ? ? ?            2.103 ? ? 
metalc8  metalc ? ? B DG 8 N7    ? ? ? 1_555 D MN  . MN ? ? D DG 8   D MN  101 1_555 ? ? ? ? ? ? ?            2.282 ? ? 
metalc9  metalc ? ? B DG 8 OP1   ? ? ? 1_555 E MN  . MN ? ? D DG 8   D MN  102 1_555 ? ? ? ? ? ? ?            2.072 ? ? 
metalc10 metalc ? ? B DG 8 "O3'" ? ? ? 1_555 F MN  . MN ? ? D DG 8   D MN  103 1_555 ? ? ? ? ? ? ?            2.756 ? ? 
metalc11 metalc ? ? D MN . MN    ? ? ? 1_555 H HOH . O  ? ? D MN 101 D HOH 201 1_555 ? ? ? ? ? ? ?            2.304 ? ? 
metalc12 metalc ? ? D MN . MN    ? ? ? 1_555 H HOH . O  ? ? D MN 101 D HOH 202 1_555 ? ? ? ? ? ? ?            2.142 ? ? 
metalc13 metalc ? ? D MN . MN    ? ? ? 1_555 H HOH . O  ? ? D MN 101 D HOH 203 1_555 ? ? ? ? ? ? ?            2.630 ? ? 
metalc14 metalc ? ? D MN . MN    ? ? ? 1_555 H HOH . O  ? ? D MN 101 D HOH 204 1_555 ? ? ? ? ? ? ?            2.175 ? ? 
hydrog1  hydrog ? ? A DG 2 N1    ? ? ? 1_555 B DC  7 N3 ? ? C DG 2   D DC  7   1_555 ? ? ? ? ? ? WATSON-CRICK ?     ? ? 
hydrog2  hydrog ? ? A DG 2 N2    ? ? ? 1_555 B DC  7 O2 ? ? C DG 2   D DC  7   1_555 ? ? ? ? ? ? WATSON-CRICK ?     ? ? 
hydrog3  hydrog ? ? A DG 2 O6    ? ? ? 1_555 B DC  7 N4 ? ? C DG 2   D DC  7   1_555 ? ? ? ? ? ? WATSON-CRICK ?     ? ? 
hydrog4  hydrog ? ? A DT 3 N3    ? ? ? 1_555 B DA  6 N1 ? ? C DT 3   D DA  6   1_555 ? ? ? ? ? ? WATSON-CRICK ?     ? ? 
hydrog5  hydrog ? ? A DT 3 O4    ? ? ? 1_555 B DA  6 N6 ? ? C DT 3   D DA  6   1_555 ? ? ? ? ? ? WATSON-CRICK ?     ? ? 
hydrog6  hydrog ? ? A DA 4 N1    ? ? ? 1_555 B DT  5 N3 ? ? C DA 4   D DT  5   1_555 ? ? ? ? ? ? WATSON-CRICK ?     ? ? 
hydrog7  hydrog ? ? A DA 4 N6    ? ? ? 1_555 B DT  5 O4 ? ? C DA 4   D DT  5   1_555 ? ? ? ? ? ? WATSON-CRICK ?     ? ? 
hydrog8  hydrog ? ? A DT 5 N3    ? ? ? 1_555 B DA  4 N1 ? ? C DT 5   D DA  4   1_555 ? ? ? ? ? ? WATSON-CRICK ?     ? ? 
hydrog9  hydrog ? ? A DT 5 O4    ? ? ? 1_555 B DA  4 N6 ? ? C DT 5   D DA  4   1_555 ? ? ? ? ? ? WATSON-CRICK ?     ? ? 
hydrog10 hydrog ? ? A DA 6 N1    ? ? ? 1_555 B DT  3 N3 ? ? C DA 6   D DT  3   1_555 ? ? ? ? ? ? WATSON-CRICK ?     ? ? 
hydrog11 hydrog ? ? A DA 6 N6    ? ? ? 1_555 B DT  3 O4 ? ? C DA 6   D DT  3   1_555 ? ? ? ? ? ? WATSON-CRICK ?     ? ? 
hydrog12 hydrog ? ? A DC 7 N3    ? ? ? 1_555 B DG  2 N1 ? ? C DC 7   D DG  2   1_555 ? ? ? ? ? ? WATSON-CRICK ?     ? ? 
hydrog13 hydrog ? ? A DC 7 N4    ? ? ? 1_555 B DG  2 O6 ? ? C DC 7   D DG  2   1_555 ? ? ? ? ? ? WATSON-CRICK ?     ? ? 
hydrog14 hydrog ? ? A DC 7 O2    ? ? ? 1_555 B DG  2 N2 ? ? C DC 7   D DG  2   1_555 ? ? ? ? ? ? WATSON-CRICK ?     ? ? 
# 
loop_
_struct_conn_type.id 
_struct_conn_type.criteria 
_struct_conn_type.reference 
metalc ? ? 
hydrog ? ? 
# 
loop_
_pdbx_struct_conn_angle.id 
_pdbx_struct_conn_angle.ptnr1_label_atom_id 
_pdbx_struct_conn_angle.ptnr1_label_alt_id 
_pdbx_struct_conn_angle.ptnr1_label_asym_id 
_pdbx_struct_conn_angle.ptnr1_label_comp_id 
_pdbx_struct_conn_angle.ptnr1_label_seq_id 
_pdbx_struct_conn_angle.ptnr1_auth_atom_id 
_pdbx_struct_conn_angle.ptnr1_auth_asym_id 
_pdbx_struct_conn_angle.ptnr1_auth_comp_id 
_pdbx_struct_conn_angle.ptnr1_auth_seq_id 
_pdbx_struct_conn_angle.ptnr1_PDB_ins_code 
_pdbx_struct_conn_angle.ptnr1_symmetry 
_pdbx_struct_conn_angle.ptnr2_label_atom_id 
_pdbx_struct_conn_angle.ptnr2_label_alt_id 
_pdbx_struct_conn_angle.ptnr2_label_asym_id 
_pdbx_struct_conn_angle.ptnr2_label_comp_id 
_pdbx_struct_conn_angle.ptnr2_label_seq_id 
_pdbx_struct_conn_angle.ptnr2_auth_atom_id 
_pdbx_struct_conn_angle.ptnr2_auth_asym_id 
_pdbx_struct_conn_angle.ptnr2_auth_comp_id 
_pdbx_struct_conn_angle.ptnr2_auth_seq_id 
_pdbx_struct_conn_angle.ptnr2_PDB_ins_code 
_pdbx_struct_conn_angle.ptnr2_symmetry 
_pdbx_struct_conn_angle.ptnr3_label_atom_id 
_pdbx_struct_conn_angle.ptnr3_label_alt_id 
_pdbx_struct_conn_angle.ptnr3_label_asym_id 
_pdbx_struct_conn_angle.ptnr3_label_comp_id 
_pdbx_struct_conn_angle.ptnr3_label_seq_id 
_pdbx_struct_conn_angle.ptnr3_auth_atom_id 
_pdbx_struct_conn_angle.ptnr3_auth_asym_id 
_pdbx_struct_conn_angle.ptnr3_auth_comp_id 
_pdbx_struct_conn_angle.ptnr3_auth_seq_id 
_pdbx_struct_conn_angle.ptnr3_PDB_ins_code 
_pdbx_struct_conn_angle.ptnr3_symmetry 
_pdbx_struct_conn_angle.value 
_pdbx_struct_conn_angle.value_esd 
1  OP2   ? A DG  8 ? C DG  8   ? 1_555 MN ? C MN . ? C MN 101 ? 1_555 N7    ? A DG  8 ? C DG  8   ? 1_555 112.1 ? 
2  OP2   ? A DG  8 ? C DG  8   ? 1_555 MN ? C MN . ? C MN 101 ? 1_555 OP2   ? A DG  8 ? C DG  8   ? 1_555 0.0   ? 
3  N7    ? A DG  8 ? C DG  8   ? 1_555 MN ? C MN . ? C MN 101 ? 1_555 OP2   ? A DG  8 ? C DG  8   ? 1_555 112.1 ? 
4  OP2   ? A DG  8 ? C DG  8   ? 1_555 MN ? C MN . ? C MN 101 ? 1_555 O     ? G HOH . ? C HOH 201 ? 1_555 154.9 ? 
5  N7    ? A DG  8 ? C DG  8   ? 1_555 MN ? C MN . ? C MN 101 ? 1_555 O     ? G HOH . ? C HOH 201 ? 1_555 92.1  ? 
6  OP2   ? A DG  8 ? C DG  8   ? 1_555 MN ? C MN . ? C MN 101 ? 1_555 O     ? G HOH . ? C HOH 201 ? 1_555 154.9 ? 
7  OP2   ? A DG  8 ? C DG  8   ? 1_555 MN ? C MN . ? C MN 101 ? 1_555 O     ? G HOH . ? C HOH 201 ? 7_555 99.9  ? 
8  N7    ? A DG  8 ? C DG  8   ? 1_555 MN ? C MN . ? C MN 101 ? 1_555 O     ? G HOH . ? C HOH 201 ? 7_555 108.6 ? 
9  OP2   ? A DG  8 ? C DG  8   ? 1_555 MN ? C MN . ? C MN 101 ? 1_555 O     ? G HOH . ? C HOH 201 ? 7_555 99.9  ? 
10 O     ? G HOH . ? C HOH 201 ? 1_555 MN ? C MN . ? C MN 101 ? 1_555 O     ? G HOH . ? C HOH 201 ? 7_555 64.7  ? 
11 OP1   ? A DG  8 ? C DG  8   ? 1_555 MN ? E MN . ? D MN 102 ? 4_554 "O3'" ? A DG  8 ? C DG  8   ? 1_555 57.9  ? 
12 OP1   ? A DG  8 ? C DG  8   ? 1_555 MN ? E MN . ? D MN 102 ? 4_554 OP1   ? B DG  8 ? D DG  8   ? 1_555 65.9  ? 
13 "O3'" ? A DG  8 ? C DG  8   ? 1_555 MN ? E MN . ? D MN 102 ? 4_554 OP1   ? B DG  8 ? D DG  8   ? 1_555 110.5 ? 
14 N7    ? B DG  8 ? D DG  8   ? 1_555 MN ? D MN . ? D MN 101 ? 1_555 O     ? H HOH . ? D HOH 201 ? 1_555 88.0  ? 
15 N7    ? B DG  8 ? D DG  8   ? 1_555 MN ? D MN . ? D MN 101 ? 1_555 O     ? H HOH . ? D HOH 202 ? 1_555 83.5  ? 
16 O     ? H HOH . ? D HOH 201 ? 1_555 MN ? D MN . ? D MN 101 ? 1_555 O     ? H HOH . ? D HOH 202 ? 1_555 124.1 ? 
17 N7    ? B DG  8 ? D DG  8   ? 1_555 MN ? D MN . ? D MN 101 ? 1_555 O     ? H HOH . ? D HOH 203 ? 1_555 86.6  ? 
18 O     ? H HOH . ? D HOH 201 ? 1_555 MN ? D MN . ? D MN 101 ? 1_555 O     ? H HOH . ? D HOH 203 ? 1_555 58.7  ? 
19 O     ? H HOH . ? D HOH 202 ? 1_555 MN ? D MN . ? D MN 101 ? 1_555 O     ? H HOH . ? D HOH 203 ? 1_555 65.6  ? 
20 N7    ? B DG  8 ? D DG  8   ? 1_555 MN ? D MN . ? D MN 101 ? 1_555 O     ? H HOH . ? D HOH 204 ? 1_555 154.0 ? 
21 O     ? H HOH . ? D HOH 201 ? 1_555 MN ? D MN . ? D MN 101 ? 1_555 O     ? H HOH . ? D HOH 204 ? 1_555 74.9  ? 
22 O     ? H HOH . ? D HOH 202 ? 1_555 MN ? D MN . ? D MN 101 ? 1_555 O     ? H HOH . ? D HOH 204 ? 1_555 89.8  ? 
23 O     ? H HOH . ? D HOH 203 ? 1_555 MN ? D MN . ? D MN 101 ? 1_555 O     ? H HOH . ? D HOH 204 ? 1_555 67.8  ? 
# 
_pdbx_entry_details.entry_id                   8W76 
_pdbx_entry_details.has_ligand_of_interest     N 
_pdbx_entry_details.compound_details           ? 
_pdbx_entry_details.source_details             ? 
_pdbx_entry_details.nonpolymer_details         ? 
_pdbx_entry_details.sequence_details           ? 
_pdbx_entry_details.has_protein_modification   ? 
# 
loop_
_pdbx_refine_tls.id 
_pdbx_refine_tls.pdbx_refine_id 
_pdbx_refine_tls.details 
_pdbx_refine_tls.method 
_pdbx_refine_tls.origin_x 
_pdbx_refine_tls.origin_y 
_pdbx_refine_tls.origin_z 
_pdbx_refine_tls.T[1][1] 
_pdbx_refine_tls.T[1][1]_esd 
_pdbx_refine_tls.T[1][2] 
_pdbx_refine_tls.T[1][2]_esd 
_pdbx_refine_tls.T[1][3] 
_pdbx_refine_tls.T[1][3]_esd 
_pdbx_refine_tls.T[2][2] 
_pdbx_refine_tls.T[2][2]_esd 
_pdbx_refine_tls.T[2][3] 
_pdbx_refine_tls.T[2][3]_esd 
_pdbx_refine_tls.T[3][3] 
_pdbx_refine_tls.T[3][3]_esd 
_pdbx_refine_tls.L[1][1] 
_pdbx_refine_tls.L[1][1]_esd 
_pdbx_refine_tls.L[1][2] 
_pdbx_refine_tls.L[1][2]_esd 
_pdbx_refine_tls.L[1][3] 
_pdbx_refine_tls.L[1][3]_esd 
_pdbx_refine_tls.L[2][2] 
_pdbx_refine_tls.L[2][2]_esd 
_pdbx_refine_tls.L[2][3] 
_pdbx_refine_tls.L[2][3]_esd 
_pdbx_refine_tls.L[3][3] 
_pdbx_refine_tls.L[3][3]_esd 
_pdbx_refine_tls.S[1][1] 
_pdbx_refine_tls.S[1][1]_esd 
_pdbx_refine_tls.S[1][2] 
_pdbx_refine_tls.S[1][2]_esd 
_pdbx_refine_tls.S[1][3] 
_pdbx_refine_tls.S[1][3]_esd 
_pdbx_refine_tls.S[2][1] 
_pdbx_refine_tls.S[2][1]_esd 
_pdbx_refine_tls.S[2][2] 
_pdbx_refine_tls.S[2][2]_esd 
_pdbx_refine_tls.S[2][3] 
_pdbx_refine_tls.S[2][3]_esd 
_pdbx_refine_tls.S[3][1] 
_pdbx_refine_tls.S[3][1]_esd 
_pdbx_refine_tls.S[3][2] 
_pdbx_refine_tls.S[3][2]_esd 
_pdbx_refine_tls.S[3][3] 
_pdbx_refine_tls.S[3][3]_esd 
1 'X-RAY DIFFRACTION' ? refined 1.6906  -0.9443 0.9736  0.3935 ? -0.0324 ? 0.1099 ? 0.2042 ? -0.0185 ? 0.2767 ? 0.0110 ? -0.0281 ? 0.0484  ? 0.1047 ? -0.1872 ? 0.5390 ? 0.2368 ? -0.0845 ? 0.3998  ? 0.2597  ? -0.2918 ? 0.0146 ? 0.1395  ? 0.2810 ? -0.0839 ? 
2 'X-RAY DIFFRACTION' ? refined -1.3505 1.5534  -0.8773 0.4392 ? -0.1193 ? 0.0081 ? 0.4364 ? -0.0365 ? 0.3267 ? 0.0276 ? -0.1238 ? -0.0095 ? 0.5304 ? -0.0059 ? 0.0196 ? 0.5055 ? -0.8909 ? -0.0566 ? -0.1028 ? 0.0414  ? 0.1531 ? -0.1454 ? 0.2939 ? -0.3112 ? 
# 
loop_
_pdbx_refine_tls_group.id 
_pdbx_refine_tls_group.pdbx_refine_id 
_pdbx_refine_tls_group.refine_tls_id 
_pdbx_refine_tls_group.beg_label_asym_id 
_pdbx_refine_tls_group.beg_label_seq_id 
_pdbx_refine_tls_group.beg_auth_asym_id 
_pdbx_refine_tls_group.beg_auth_seq_id 
_pdbx_refine_tls_group.beg_PDB_ins_code 
_pdbx_refine_tls_group.end_label_asym_id 
_pdbx_refine_tls_group.end_label_seq_id 
_pdbx_refine_tls_group.end_auth_asym_id 
_pdbx_refine_tls_group.end_auth_seq_id 
_pdbx_refine_tls_group.end_PDB_ins_code 
_pdbx_refine_tls_group.selection 
_pdbx_refine_tls_group.selection_details 
1 'X-RAY DIFFRACTION' 1 ? ? ? ? ? ? ? ? ? ? ? 
;chain 'C' and (resid 1 through 8 )
;
2 'X-RAY DIFFRACTION' 2 ? ? ? ? ? ? ? ? ? ? ? 
;chain 'D' and (resid 1 through 8 )
;
# 
loop_
_chem_comp_atom.comp_id 
_chem_comp_atom.atom_id 
_chem_comp_atom.type_symbol 
_chem_comp_atom.pdbx_aromatic_flag 
_chem_comp_atom.pdbx_stereo_config 
_chem_comp_atom.pdbx_ordinal 
DA  OP3    O  N N 1   
DA  P      P  N N 2   
DA  OP1    O  N N 3   
DA  OP2    O  N N 4   
DA  "O5'"  O  N N 5   
DA  "C5'"  C  N N 6   
DA  "C4'"  C  N R 7   
DA  "O4'"  O  N N 8   
DA  "C3'"  C  N S 9   
DA  "O3'"  O  N N 10  
DA  "C2'"  C  N N 11  
DA  "C1'"  C  N R 12  
DA  N9     N  Y N 13  
DA  C8     C  Y N 14  
DA  N7     N  Y N 15  
DA  C5     C  Y N 16  
DA  C6     C  Y N 17  
DA  N6     N  N N 18  
DA  N1     N  Y N 19  
DA  C2     C  Y N 20  
DA  N3     N  Y N 21  
DA  C4     C  Y N 22  
DA  HOP3   H  N N 23  
DA  HOP2   H  N N 24  
DA  "H5'"  H  N N 25  
DA  "H5''" H  N N 26  
DA  "H4'"  H  N N 27  
DA  "H3'"  H  N N 28  
DA  "HO3'" H  N N 29  
DA  "H2'"  H  N N 30  
DA  "H2''" H  N N 31  
DA  "H1'"  H  N N 32  
DA  H8     H  N N 33  
DA  H61    H  N N 34  
DA  H62    H  N N 35  
DA  H2     H  N N 36  
DC  OP3    O  N N 37  
DC  P      P  N N 38  
DC  OP1    O  N N 39  
DC  OP2    O  N N 40  
DC  "O5'"  O  N N 41  
DC  "C5'"  C  N N 42  
DC  "C4'"  C  N R 43  
DC  "O4'"  O  N N 44  
DC  "C3'"  C  N S 45  
DC  "O3'"  O  N N 46  
DC  "C2'"  C  N N 47  
DC  "C1'"  C  N R 48  
DC  N1     N  N N 49  
DC  C2     C  N N 50  
DC  O2     O  N N 51  
DC  N3     N  N N 52  
DC  C4     C  N N 53  
DC  N4     N  N N 54  
DC  C5     C  N N 55  
DC  C6     C  N N 56  
DC  HOP3   H  N N 57  
DC  HOP2   H  N N 58  
DC  "H5'"  H  N N 59  
DC  "H5''" H  N N 60  
DC  "H4'"  H  N N 61  
DC  "H3'"  H  N N 62  
DC  "HO3'" H  N N 63  
DC  "H2'"  H  N N 64  
DC  "H2''" H  N N 65  
DC  "H1'"  H  N N 66  
DC  H41    H  N N 67  
DC  H42    H  N N 68  
DC  H5     H  N N 69  
DC  H6     H  N N 70  
DG  OP3    O  N N 71  
DG  P      P  N N 72  
DG  OP1    O  N N 73  
DG  OP2    O  N N 74  
DG  "O5'"  O  N N 75  
DG  "C5'"  C  N N 76  
DG  "C4'"  C  N R 77  
DG  "O4'"  O  N N 78  
DG  "C3'"  C  N S 79  
DG  "O3'"  O  N N 80  
DG  "C2'"  C  N N 81  
DG  "C1'"  C  N R 82  
DG  N9     N  Y N 83  
DG  C8     C  Y N 84  
DG  N7     N  Y N 85  
DG  C5     C  Y N 86  
DG  C6     C  N N 87  
DG  O6     O  N N 88  
DG  N1     N  N N 89  
DG  C2     C  N N 90  
DG  N2     N  N N 91  
DG  N3     N  N N 92  
DG  C4     C  Y N 93  
DG  HOP3   H  N N 94  
DG  HOP2   H  N N 95  
DG  "H5'"  H  N N 96  
DG  "H5''" H  N N 97  
DG  "H4'"  H  N N 98  
DG  "H3'"  H  N N 99  
DG  "HO3'" H  N N 100 
DG  "H2'"  H  N N 101 
DG  "H2''" H  N N 102 
DG  "H1'"  H  N N 103 
DG  H8     H  N N 104 
DG  H1     H  N N 105 
DG  H21    H  N N 106 
DG  H22    H  N N 107 
DT  OP3    O  N N 108 
DT  P      P  N N 109 
DT  OP1    O  N N 110 
DT  OP2    O  N N 111 
DT  "O5'"  O  N N 112 
DT  "C5'"  C  N N 113 
DT  "C4'"  C  N R 114 
DT  "O4'"  O  N N 115 
DT  "C3'"  C  N S 116 
DT  "O3'"  O  N N 117 
DT  "C2'"  C  N N 118 
DT  "C1'"  C  N R 119 
DT  N1     N  N N 120 
DT  C2     C  N N 121 
DT  O2     O  N N 122 
DT  N3     N  N N 123 
DT  C4     C  N N 124 
DT  O4     O  N N 125 
DT  C5     C  N N 126 
DT  C7     C  N N 127 
DT  C6     C  N N 128 
DT  HOP3   H  N N 129 
DT  HOP2   H  N N 130 
DT  "H5'"  H  N N 131 
DT  "H5''" H  N N 132 
DT  "H4'"  H  N N 133 
DT  "H3'"  H  N N 134 
DT  "HO3'" H  N N 135 
DT  "H2'"  H  N N 136 
DT  "H2''" H  N N 137 
DT  "H1'"  H  N N 138 
DT  H3     H  N N 139 
DT  H71    H  N N 140 
DT  H72    H  N N 141 
DT  H73    H  N N 142 
DT  H6     H  N N 143 
HOH O      O  N N 144 
HOH H1     H  N N 145 
HOH H2     H  N N 146 
MN  MN     MN N N 147 
# 
loop_
_chem_comp_bond.comp_id 
_chem_comp_bond.atom_id_1 
_chem_comp_bond.atom_id_2 
_chem_comp_bond.value_order 
_chem_comp_bond.pdbx_aromatic_flag 
_chem_comp_bond.pdbx_stereo_config 
_chem_comp_bond.pdbx_ordinal 
DA  OP3   P      sing N N 1   
DA  OP3   HOP3   sing N N 2   
DA  P     OP1    doub N N 3   
DA  P     OP2    sing N N 4   
DA  P     "O5'"  sing N N 5   
DA  OP2   HOP2   sing N N 6   
DA  "O5'" "C5'"  sing N N 7   
DA  "C5'" "C4'"  sing N N 8   
DA  "C5'" "H5'"  sing N N 9   
DA  "C5'" "H5''" sing N N 10  
DA  "C4'" "O4'"  sing N N 11  
DA  "C4'" "C3'"  sing N N 12  
DA  "C4'" "H4'"  sing N N 13  
DA  "O4'" "C1'"  sing N N 14  
DA  "C3'" "O3'"  sing N N 15  
DA  "C3'" "C2'"  sing N N 16  
DA  "C3'" "H3'"  sing N N 17  
DA  "O3'" "HO3'" sing N N 18  
DA  "C2'" "C1'"  sing N N 19  
DA  "C2'" "H2'"  sing N N 20  
DA  "C2'" "H2''" sing N N 21  
DA  "C1'" N9     sing N N 22  
DA  "C1'" "H1'"  sing N N 23  
DA  N9    C8     sing Y N 24  
DA  N9    C4     sing Y N 25  
DA  C8    N7     doub Y N 26  
DA  C8    H8     sing N N 27  
DA  N7    C5     sing Y N 28  
DA  C5    C6     sing Y N 29  
DA  C5    C4     doub Y N 30  
DA  C6    N6     sing N N 31  
DA  C6    N1     doub Y N 32  
DA  N6    H61    sing N N 33  
DA  N6    H62    sing N N 34  
DA  N1    C2     sing Y N 35  
DA  C2    N3     doub Y N 36  
DA  C2    H2     sing N N 37  
DA  N3    C4     sing Y N 38  
DC  OP3   P      sing N N 39  
DC  OP3   HOP3   sing N N 40  
DC  P     OP1    doub N N 41  
DC  P     OP2    sing N N 42  
DC  P     "O5'"  sing N N 43  
DC  OP2   HOP2   sing N N 44  
DC  "O5'" "C5'"  sing N N 45  
DC  "C5'" "C4'"  sing N N 46  
DC  "C5'" "H5'"  sing N N 47  
DC  "C5'" "H5''" sing N N 48  
DC  "C4'" "O4'"  sing N N 49  
DC  "C4'" "C3'"  sing N N 50  
DC  "C4'" "H4'"  sing N N 51  
DC  "O4'" "C1'"  sing N N 52  
DC  "C3'" "O3'"  sing N N 53  
DC  "C3'" "C2'"  sing N N 54  
DC  "C3'" "H3'"  sing N N 55  
DC  "O3'" "HO3'" sing N N 56  
DC  "C2'" "C1'"  sing N N 57  
DC  "C2'" "H2'"  sing N N 58  
DC  "C2'" "H2''" sing N N 59  
DC  "C1'" N1     sing N N 60  
DC  "C1'" "H1'"  sing N N 61  
DC  N1    C2     sing N N 62  
DC  N1    C6     sing N N 63  
DC  C2    O2     doub N N 64  
DC  C2    N3     sing N N 65  
DC  N3    C4     doub N N 66  
DC  C4    N4     sing N N 67  
DC  C4    C5     sing N N 68  
DC  N4    H41    sing N N 69  
DC  N4    H42    sing N N 70  
DC  C5    C6     doub N N 71  
DC  C5    H5     sing N N 72  
DC  C6    H6     sing N N 73  
DG  OP3   P      sing N N 74  
DG  OP3   HOP3   sing N N 75  
DG  P     OP1    doub N N 76  
DG  P     OP2    sing N N 77  
DG  P     "O5'"  sing N N 78  
DG  OP2   HOP2   sing N N 79  
DG  "O5'" "C5'"  sing N N 80  
DG  "C5'" "C4'"  sing N N 81  
DG  "C5'" "H5'"  sing N N 82  
DG  "C5'" "H5''" sing N N 83  
DG  "C4'" "O4'"  sing N N 84  
DG  "C4'" "C3'"  sing N N 85  
DG  "C4'" "H4'"  sing N N 86  
DG  "O4'" "C1'"  sing N N 87  
DG  "C3'" "O3'"  sing N N 88  
DG  "C3'" "C2'"  sing N N 89  
DG  "C3'" "H3'"  sing N N 90  
DG  "O3'" "HO3'" sing N N 91  
DG  "C2'" "C1'"  sing N N 92  
DG  "C2'" "H2'"  sing N N 93  
DG  "C2'" "H2''" sing N N 94  
DG  "C1'" N9     sing N N 95  
DG  "C1'" "H1'"  sing N N 96  
DG  N9    C8     sing Y N 97  
DG  N9    C4     sing Y N 98  
DG  C8    N7     doub Y N 99  
DG  C8    H8     sing N N 100 
DG  N7    C5     sing Y N 101 
DG  C5    C6     sing N N 102 
DG  C5    C4     doub Y N 103 
DG  C6    O6     doub N N 104 
DG  C6    N1     sing N N 105 
DG  N1    C2     sing N N 106 
DG  N1    H1     sing N N 107 
DG  C2    N2     sing N N 108 
DG  C2    N3     doub N N 109 
DG  N2    H21    sing N N 110 
DG  N2    H22    sing N N 111 
DG  N3    C4     sing N N 112 
DT  OP3   P      sing N N 113 
DT  OP3   HOP3   sing N N 114 
DT  P     OP1    doub N N 115 
DT  P     OP2    sing N N 116 
DT  P     "O5'"  sing N N 117 
DT  OP2   HOP2   sing N N 118 
DT  "O5'" "C5'"  sing N N 119 
DT  "C5'" "C4'"  sing N N 120 
DT  "C5'" "H5'"  sing N N 121 
DT  "C5'" "H5''" sing N N 122 
DT  "C4'" "O4'"  sing N N 123 
DT  "C4'" "C3'"  sing N N 124 
DT  "C4'" "H4'"  sing N N 125 
DT  "O4'" "C1'"  sing N N 126 
DT  "C3'" "O3'"  sing N N 127 
DT  "C3'" "C2'"  sing N N 128 
DT  "C3'" "H3'"  sing N N 129 
DT  "O3'" "HO3'" sing N N 130 
DT  "C2'" "C1'"  sing N N 131 
DT  "C2'" "H2'"  sing N N 132 
DT  "C2'" "H2''" sing N N 133 
DT  "C1'" N1     sing N N 134 
DT  "C1'" "H1'"  sing N N 135 
DT  N1    C2     sing N N 136 
DT  N1    C6     sing N N 137 
DT  C2    O2     doub N N 138 
DT  C2    N3     sing N N 139 
DT  N3    C4     sing N N 140 
DT  N3    H3     sing N N 141 
DT  C4    O4     doub N N 142 
DT  C4    C5     sing N N 143 
DT  C5    C7     sing N N 144 
DT  C5    C6     doub N N 145 
DT  C7    H71    sing N N 146 
DT  C7    H72    sing N N 147 
DT  C7    H73    sing N N 148 
DT  C6    H6     sing N N 149 
HOH O     H1     sing N N 150 
HOH O     H2     sing N N 151 
# 
loop_
_ndb_struct_conf_na.entry_id 
_ndb_struct_conf_na.feature 
8W76 'double helix'        
8W76 'b-form double helix' 
# 
loop_
_ndb_struct_na_base_pair.model_number 
_ndb_struct_na_base_pair.i_label_asym_id 
_ndb_struct_na_base_pair.i_label_comp_id 
_ndb_struct_na_base_pair.i_label_seq_id 
_ndb_struct_na_base_pair.i_symmetry 
_ndb_struct_na_base_pair.j_label_asym_id 
_ndb_struct_na_base_pair.j_label_comp_id 
_ndb_struct_na_base_pair.j_label_seq_id 
_ndb_struct_na_base_pair.j_symmetry 
_ndb_struct_na_base_pair.shear 
_ndb_struct_na_base_pair.stretch 
_ndb_struct_na_base_pair.stagger 
_ndb_struct_na_base_pair.buckle 
_ndb_struct_na_base_pair.propeller 
_ndb_struct_na_base_pair.opening 
_ndb_struct_na_base_pair.pair_number 
_ndb_struct_na_base_pair.pair_name 
_ndb_struct_na_base_pair.i_auth_asym_id 
_ndb_struct_na_base_pair.i_auth_seq_id 
_ndb_struct_na_base_pair.i_PDB_ins_code 
_ndb_struct_na_base_pair.j_auth_asym_id 
_ndb_struct_na_base_pair.j_auth_seq_id 
_ndb_struct_na_base_pair.j_PDB_ins_code 
_ndb_struct_na_base_pair.hbond_type_28 
_ndb_struct_na_base_pair.hbond_type_12 
1 A DG 2 1_555 B DC 7 1_555 -0.683 -0.277 0.126  -8.524 1.935   2.506  1 C_DG2:DC7_D C 2 ? D 7 ? 19 1 
1 A DT 3 1_555 B DA 6 1_555 0.152  0.122  0.382  -0.927 -5.637  4.798  2 C_DT3:DA6_D C 3 ? D 6 ? 20 1 
1 A DA 4 1_555 B DT 5 1_555 -0.334 0.074  0.151  1.654  -10.244 2.445  3 C_DA4:DT5_D C 4 ? D 5 ? 20 1 
1 A DT 5 1_555 B DA 4 1_555 0.080  0.177  -0.099 9.062  -10.527 2.235  4 C_DT5:DA4_D C 5 ? D 4 ? 20 1 
1 A DA 6 1_555 B DT 3 1_555 -0.460 -0.117 0.156  -0.697 -3.710  -1.563 5 C_DA6:DT3_D C 6 ? D 3 ? 20 1 
1 A DC 7 1_555 B DG 2 1_555 0.927  0.066  -0.383 14.236 6.052   9.031  6 C_DC7:DG2_D C 7 ? D 2 ? 19 1 
# 
loop_
_ndb_struct_na_base_pair_step.model_number 
_ndb_struct_na_base_pair_step.i_label_asym_id_1 
_ndb_struct_na_base_pair_step.i_label_comp_id_1 
_ndb_struct_na_base_pair_step.i_label_seq_id_1 
_ndb_struct_na_base_pair_step.i_symmetry_1 
_ndb_struct_na_base_pair_step.j_label_asym_id_1 
_ndb_struct_na_base_pair_step.j_label_comp_id_1 
_ndb_struct_na_base_pair_step.j_label_seq_id_1 
_ndb_struct_na_base_pair_step.j_symmetry_1 
_ndb_struct_na_base_pair_step.i_label_asym_id_2 
_ndb_struct_na_base_pair_step.i_label_comp_id_2 
_ndb_struct_na_base_pair_step.i_label_seq_id_2 
_ndb_struct_na_base_pair_step.i_symmetry_2 
_ndb_struct_na_base_pair_step.j_label_asym_id_2 
_ndb_struct_na_base_pair_step.j_label_comp_id_2 
_ndb_struct_na_base_pair_step.j_label_seq_id_2 
_ndb_struct_na_base_pair_step.j_symmetry_2 
_ndb_struct_na_base_pair_step.shift 
_ndb_struct_na_base_pair_step.slide 
_ndb_struct_na_base_pair_step.rise 
_ndb_struct_na_base_pair_step.tilt 
_ndb_struct_na_base_pair_step.roll 
_ndb_struct_na_base_pair_step.twist 
_ndb_struct_na_base_pair_step.x_displacement 
_ndb_struct_na_base_pair_step.y_displacement 
_ndb_struct_na_base_pair_step.helical_rise 
_ndb_struct_na_base_pair_step.inclination 
_ndb_struct_na_base_pair_step.tip 
_ndb_struct_na_base_pair_step.helical_twist 
_ndb_struct_na_base_pair_step.step_number 
_ndb_struct_na_base_pair_step.step_name 
_ndb_struct_na_base_pair_step.i_auth_asym_id_1 
_ndb_struct_na_base_pair_step.i_auth_seq_id_1 
_ndb_struct_na_base_pair_step.i_PDB_ins_code_1 
_ndb_struct_na_base_pair_step.j_auth_asym_id_1 
_ndb_struct_na_base_pair_step.j_auth_seq_id_1 
_ndb_struct_na_base_pair_step.j_PDB_ins_code_1 
_ndb_struct_na_base_pair_step.i_auth_asym_id_2 
_ndb_struct_na_base_pair_step.i_auth_seq_id_2 
_ndb_struct_na_base_pair_step.i_PDB_ins_code_2 
_ndb_struct_na_base_pair_step.j_auth_asym_id_2 
_ndb_struct_na_base_pair_step.j_auth_seq_id_2 
_ndb_struct_na_base_pair_step.j_PDB_ins_code_2 
1 A DG 2 1_555 B DC 7 1_555 A DT 3 1_555 B DA 6 1_555 0.005 -0.432 3.261 -4.012 1.066  30.850 -1.008 -0.773 3.218 1.993  7.498  
31.122 1 CC_DG2DT3:DA6DC7_DD C 2 ? D 7 ? C 3 ? D 6 ? 
1 A DT 3 1_555 B DA 6 1_555 A DA 4 1_555 B DT 5 1_555 0.243 -0.224 3.146 4.046  4.247  36.079 -0.921 0.149  3.109 6.801  -6.479 
36.537 2 CC_DT3DA4:DT5DA6_DD C 3 ? D 6 ? C 4 ? D 5 ? 
1 A DA 4 1_555 B DT 5 1_555 A DT 5 1_555 B DA 4 1_555 0.267 -0.630 3.287 1.569  -5.239 31.826 -0.182 -0.196 3.354 -9.466 -2.834 
32.281 3 CC_DA4DT5:DA4DT5_DD C 4 ? D 5 ? C 5 ? D 4 ? 
1 A DT 5 1_555 B DA 4 1_555 A DA 6 1_555 B DT 3 1_555 0.196 -0.669 3.465 0.658  6.754  33.833 -2.220 -0.224 3.278 11.463 -1.117 
34.487 4 CC_DT5DA6:DT3DA4_DD C 5 ? D 4 ? C 6 ? D 3 ? 
1 A DA 6 1_555 B DT 3 1_555 A DC 7 1_555 B DG 2 1_555 0.265 -0.138 3.025 5.018  4.390  34.244 -0.849 0.264  2.993 7.368  -8.424 
34.868 5 CC_DA6DC7:DG2DT3_DD C 6 ? D 3 ? C 7 ? D 2 ? 
# 
_pdbx_audit_support.funding_organization   'Ministry of Science and Technology (MoST, Taiwan)' 
_pdbx_audit_support.country                Taiwan 
_pdbx_audit_support.grant_number           109-2628-M-005-001-MY4 
_pdbx_audit_support.ordinal                1 
# 
_pdbx_initial_refinement_model.id               1 
_pdbx_initial_refinement_model.entity_id_list   ? 
_pdbx_initial_refinement_model.type             'experimental model' 
_pdbx_initial_refinement_model.source_name      PDB 
_pdbx_initial_refinement_model.accession_code   237D 
_pdbx_initial_refinement_model.details          ? 
# 
_atom_sites.entry_id                    8W76 
_atom_sites.Cartn_transf_matrix[1][1]   ? 
_atom_sites.Cartn_transf_matrix[1][2]   ? 
_atom_sites.Cartn_transf_matrix[1][3]   ? 
_atom_sites.Cartn_transf_matrix[2][1]   ? 
_atom_sites.Cartn_transf_matrix[2][2]   ? 
_atom_sites.Cartn_transf_matrix[2][3]   ? 
_atom_sites.Cartn_transf_matrix[3][1]   ? 
_atom_sites.Cartn_transf_matrix[3][2]   ? 
_atom_sites.Cartn_transf_matrix[3][3]   ? 
_atom_sites.Cartn_transf_vector[1]      ? 
_atom_sites.Cartn_transf_vector[2]      ? 
_atom_sites.Cartn_transf_vector[3]      ? 
_atom_sites.Cartn_transform_axes        ? 
_atom_sites.fract_transf_matrix[1][1]   -0.00118192 
_atom_sites.fract_transf_matrix[1][2]   0.01850822 
_atom_sites.fract_transf_matrix[1][3]   0.01904900 
_atom_sites.fract_transf_matrix[2][1]   -0.01320044 
_atom_sites.fract_transf_matrix[2][2]   0.01613668 
_atom_sites.fract_transf_matrix[2][3]   -0.01649762 
_atom_sites.fract_transf_matrix[3][1]   -0.01111436 
_atom_sites.fract_transf_matrix[3][2]   -0.00491486 
_atom_sites.fract_transf_matrix[3][3]   0.00408573 
_atom_sites.fract_transf_vector[1]      0.412832 
_atom_sites.fract_transf_vector[2]      0.012341 
_atom_sites.fract_transf_vector[3]      0.164636 
_atom_sites.solution_primary            ? 
_atom_sites.solution_secondary          ? 
_atom_sites.solution_hydrogens          ? 
_atom_sites.special_details             ? 
# 
loop_
_atom_type.symbol 
C  
MN 
N  
O  
P  
# 
loop_
_atom_site.group_PDB 
_atom_site.id 
_atom_site.type_symbol 
_atom_site.label_atom_id 
_atom_site.label_alt_id 
_atom_site.label_comp_id 
_atom_site.label_asym_id 
_atom_site.label_entity_id 
_atom_site.label_seq_id 
_atom_site.pdbx_PDB_ins_code 
_atom_site.Cartn_x 
_atom_site.Cartn_y 
_atom_site.Cartn_z 
_atom_site.occupancy 
_atom_site.B_iso_or_equiv 
_atom_site.pdbx_formal_charge 
_atom_site.auth_seq_id 
_atom_site.auth_comp_id 
_atom_site.auth_asym_id 
_atom_site.auth_atom_id 
_atom_site.pdbx_PDB_model_num 
ATOM   1   P  P     . DC  A 1 1 ? -12.537 1.413   11.777  1.00 116.02 ? 1   DC  C P     1 
ATOM   2   O  OP1   . DC  A 1 1 ? -13.355 0.705   10.764  1.00 111.47 ? 1   DC  C OP1   1 
ATOM   3   O  OP2   . DC  A 1 1 ? -12.773 2.849   12.047  1.00 114.98 ? 1   DC  C OP2   1 
ATOM   4   O  "O5'" . DC  A 1 1 ? -10.984 1.216   11.442  1.00 100.90 ? 1   DC  C "O5'" 1 
ATOM   5   C  "C5'" . DC  A 1 1 ? -10.079 0.826   12.474  1.00 90.42  ? 1   DC  C "C5'" 1 
ATOM   6   C  "C4'" . DC  A 1 1 ? -8.768  0.314   11.898  1.00 81.52  ? 1   DC  C "C4'" 1 
ATOM   7   O  "O4'" . DC  A 1 1 ? -9.034  -0.470  10.708  1.00 88.37  ? 1   DC  C "O4'" 1 
ATOM   8   C  "C3'" . DC  A 1 1 ? -7.785  1.392   11.454  1.00 68.06  ? 1   DC  C "C3'" 1 
ATOM   9   O  "O3'" . DC  A 1 1 ? -6.459  0.882   11.500  1.00 65.82  ? 1   DC  C "O3'" 1 
ATOM   10  C  "C2'" . DC  A 1 1 ? -8.220  1.624   10.015  1.00 81.85  ? 1   DC  C "C2'" 1 
ATOM   11  C  "C1'" . DC  A 1 1 ? -8.497  0.190   9.578   1.00 88.86  ? 1   DC  C "C1'" 1 
ATOM   12  N  N1    . DC  A 1 1 ? -9.475  0.073   8.467   1.00 88.12  ? 1   DC  C N1    1 
ATOM   13  C  C2    . DC  A 1 1 ? -9.650  -1.161  7.838   1.00 91.56  ? 1   DC  C C2    1 
ATOM   14  O  O2    . DC  A 1 1 ? -8.984  -2.131  8.223   1.00 95.35  ? 1   DC  C O2    1 
ATOM   15  N  N3    . DC  A 1 1 ? -10.543 -1.261  6.825   1.00 87.45  ? 1   DC  C N3    1 
ATOM   16  C  C4    . DC  A 1 1 ? -11.240 -0.192  6.441   1.00 79.76  ? 1   DC  C C4    1 
ATOM   17  N  N4    . DC  A 1 1 ? -12.109 -0.340  5.437   1.00 85.34  ? 1   DC  C N4    1 
ATOM   18  C  C5    . DC  A 1 1 ? -11.077 1.077   7.071   1.00 76.56  ? 1   DC  C C5    1 
ATOM   19  C  C6    . DC  A 1 1 ? -10.191 1.164   8.069   1.00 80.62  ? 1   DC  C C6    1 
ATOM   20  P  P     . DG  A 1 2 ? -5.581  0.989   12.843  1.00 95.05  ? 2   DG  C P     1 
ATOM   21  O  OP1   . DG  A 1 2 ? -6.508  1.160   13.984  1.00 97.16  ? 2   DG  C OP1   1 
ATOM   22  O  OP2   . DG  A 1 2 ? -4.501  1.973   12.599  1.00 75.05  ? 2   DG  C OP2   1 
ATOM   23  O  "O5'" . DG  A 1 2 ? -4.910  -0.454  12.961  1.00 84.53  ? 2   DG  C "O5'" 1 
ATOM   24  C  "C5'" . DG  A 1 2 ? -5.086  -1.384  11.908  1.00 59.63  ? 2   DG  C "C5'" 1 
ATOM   25  C  "C4'" . DG  A 1 2 ? -3.980  -2.420  11.892  1.00 45.53  ? 2   DG  C "C4'" 1 
ATOM   26  O  "O4'" . DG  A 1 2 ? -4.133  -3.245  10.714  1.00 47.28  ? 2   DG  C "O4'" 1 
ATOM   27  C  "C3'" . DG  A 1 2 ? -2.574  -1.866  11.780  1.00 48.65  ? 2   DG  C "C3'" 1 
ATOM   28  O  "O3'" . DG  A 1 2 ? -1.637  -2.843  12.225  1.00 58.94  ? 2   DG  C "O3'" 1 
ATOM   29  C  "C2'" . DG  A 1 2 ? -2.456  -1.623  10.279  1.00 51.23  ? 2   DG  C "C2'" 1 
ATOM   30  C  "C1'" . DG  A 1 2 ? -3.249  -2.798  9.699   1.00 49.96  ? 2   DG  C "C1'" 1 
ATOM   31  N  N9    . DG  A 1 2 ? -4.041  -2.437  8.526   1.00 47.39  ? 2   DG  C N9    1 
ATOM   32  C  C8    . DG  A 1 2 ? -4.783  -1.295  8.353   1.00 52.00  ? 2   DG  C C8    1 
ATOM   33  N  N7    . DG  A 1 2 ? -5.389  -1.237  7.200   1.00 58.37  ? 2   DG  C N7    1 
ATOM   34  C  C5    . DG  A 1 2 ? -5.027  -2.416  6.565   1.00 37.59  ? 2   DG  C C5    1 
ATOM   35  C  C6    . DG  A 1 2 ? -5.381  -2.908  5.287   1.00 47.21  ? 2   DG  C C6    1 
ATOM   36  O  O6    . DG  A 1 2 ? -6.109  -2.376  4.436   1.00 53.29  ? 2   DG  C O6    1 
ATOM   37  N  N1    . DG  A 1 2 ? -4.798  -4.145  5.030   1.00 46.12  ? 2   DG  C N1    1 
ATOM   38  C  C2    . DG  A 1 2 ? -3.978  -4.825  5.899   1.00 35.22  ? 2   DG  C C2    1 
ATOM   39  N  N2    . DG  A 1 2 ? -3.511  -6.008  5.473   1.00 26.45  ? 2   DG  C N2    1 
ATOM   40  N  N3    . DG  A 1 2 ? -3.636  -4.376  7.102   1.00 29.93  ? 2   DG  C N3    1 
ATOM   41  C  C4    . DG  A 1 2 ? -4.196  -3.170  7.367   1.00 37.32  ? 2   DG  C C4    1 
ATOM   42  P  P     . DT  A 1 3 ? -0.064  -2.516  12.245  1.00 57.43  ? 3   DT  C P     1 
ATOM   43  O  OP1   . DT  A 1 3 ? 0.534   -3.268  13.371  1.00 53.19  ? 3   DT  C OP1   1 
ATOM   44  O  OP2   . DT  A 1 3 ? 0.101   -1.046  12.165  1.00 52.56  ? 3   DT  C OP2   1 
ATOM   45  O  "O5'" . DT  A 1 3 ? 0.477   -3.159  10.886  1.00 51.01  ? 3   DT  C "O5'" 1 
ATOM   46  C  "C5'" . DT  A 1 3 ? 0.507   -4.567  10.744  1.00 39.33  ? 3   DT  C "C5'" 1 
ATOM   47  C  "C4'" . DT  A 1 3 ? 0.686   -4.967  9.291   1.00 32.45  ? 3   DT  C "C4'" 1 
ATOM   48  O  "O4'" . DT  A 1 3 ? -0.326  -4.343  8.474   1.00 45.30  ? 3   DT  C "O4'" 1 
ATOM   49  C  "C3'" . DT  A 1 3 ? 2.033   -4.584  8.666   1.00 39.98  ? 3   DT  C "C3'" 1 
ATOM   50  O  "O3'" . DT  A 1 3 ? 2.735   -5.763  8.319   1.00 48.11  ? 3   DT  C "O3'" 1 
ATOM   51  C  "C2'" . DT  A 1 3 ? 1.654   -3.760  7.421   1.00 49.09  ? 3   DT  C "C2'" 1 
ATOM   52  C  "C1'" . DT  A 1 3 ? 0.206   -4.163  7.191   1.00 48.38  ? 3   DT  C "C1'" 1 
ATOM   53  N  N1    . DT  A 1 3 ? -0.610  -3.137  6.475   1.00 35.80  ? 3   DT  C N1    1 
ATOM   54  C  C2    . DT  A 1 3 ? -1.070  -3.406  5.205   1.00 33.03  ? 3   DT  C C2    1 
ATOM   55  O  O2    . DT  A 1 3 ? -0.842  -4.451  4.617   1.00 32.68  ? 3   DT  C O2    1 
ATOM   56  N  N3    . DT  A 1 3 ? -1.815  -2.404  4.641   1.00 31.04  ? 3   DT  C N3    1 
ATOM   57  C  C4    . DT  A 1 3 ? -2.139  -1.184  5.209   1.00 42.13  ? 3   DT  C C4    1 
ATOM   58  O  O4    . DT  A 1 3 ? -2.814  -0.345  4.622   1.00 51.20  ? 3   DT  C O4    1 
ATOM   59  C  C5    . DT  A 1 3 ? -1.624  -0.968  6.539   1.00 44.22  ? 3   DT  C C5    1 
ATOM   60  C  C7    . DT  A 1 3 ? -1.908  0.318   7.256   1.00 32.25  ? 3   DT  C C7    1 
ATOM   61  C  C6    . DT  A 1 3 ? -0.895  -1.943  7.102   1.00 52.36  ? 3   DT  C C6    1 
ATOM   62  P  P     . DA  A 1 4 ? 4.307   -5.720  8.001   1.00 48.45  ? 4   DA  C P     1 
ATOM   63  O  OP1   . DA  A 1 4 ? 4.921   -6.866  8.710   1.00 48.50  ? 4   DA  C OP1   1 
ATOM   64  O  OP2   . DA  A 1 4 ? 4.800   -4.342  8.233   1.00 40.83  ? 4   DA  C OP2   1 
ATOM   65  O  "O5'" . DA  A 1 4 ? 4.372   -5.990  6.431   1.00 40.53  ? 4   DA  C "O5'" 1 
ATOM   66  C  "C5'" . DA  A 1 4 ? 3.465   -6.903  5.842   1.00 29.96  ? 4   DA  C "C5'" 1 
ATOM   67  C  "C4'" . DA  A 1 4 ? 3.492   -6.781  4.332   1.00 31.52  ? 4   DA  C "C4'" 1 
ATOM   68  O  "O4'" . DA  A 1 4 ? 2.508   -5.808  3.899   1.00 48.68  ? 4   DA  C "O4'" 1 
ATOM   69  C  "C3'" . DA  A 1 4 ? 4.827   -6.330  3.747   1.00 23.49  ? 4   DA  C "C3'" 1 
ATOM   70  O  "O3'" . DA  A 1 4 ? 5.135   -7.126  2.616   1.00 45.85  ? 4   DA  C "O3'" 1 
ATOM   71  C  "C2'" . DA  A 1 4 ? 4.570   -4.870  3.363   1.00 33.02  ? 4   DA  C "C2'" 1 
ATOM   72  C  "C1'" . DA  A 1 4 ? 3.100   -4.910  2.989   1.00 38.42  ? 4   DA  C "C1'" 1 
ATOM   73  N  N9    . DA  A 1 4 ? 2.427   -3.622  3.123   1.00 35.37  ? 4   DA  C N9    1 
ATOM   74  C  C8    . DA  A 1 4 ? 2.548   -2.733  4.153   1.00 37.06  ? 4   DA  C C8    1 
ATOM   75  N  N7    . DA  A 1 4 ? 1.809   -1.657  4.014   1.00 34.43  ? 4   DA  C N7    1 
ATOM   76  C  C5    . DA  A 1 4 ? 1.153   -1.858  2.814   1.00 35.07  ? 4   DA  C C5    1 
ATOM   77  C  C6    . DA  A 1 4 ? 0.219   -1.079  2.100   1.00 31.17  ? 4   DA  C C6    1 
ATOM   78  N  N6    . DA  A 1 4 ? -0.225  0.110   2.523   1.00 27.17  ? 4   DA  C N6    1 
ATOM   79  N  N1    . DA  A 1 4 ? -0.241  -1.569  0.933   1.00 25.41  ? 4   DA  C N1    1 
ATOM   80  C  C2    . DA  A 1 4 ? 0.205   -2.758  0.513   1.00 33.98  ? 4   DA  C C2    1 
ATOM   81  N  N3    . DA  A 1 4 ? 1.078   -3.581  1.094   1.00 34.44  ? 4   DA  C N3    1 
ATOM   82  C  C4    . DA  A 1 4 ? 1.517   -3.068  2.251   1.00 33.55  ? 4   DA  C C4    1 
ATOM   83  P  P     . DT  A 1 5 ? 6.594   -7.066  1.943   1.00 54.23  ? 5   DT  C P     1 
ATOM   84  O  OP1   . DT  A 1 5 ? 7.043   -8.467  1.768   1.00 44.55  ? 5   DT  C OP1   1 
ATOM   85  O  OP2   . DT  A 1 5 ? 7.434   -6.111  2.701   1.00 23.97  ? 5   DT  C OP2   1 
ATOM   86  O  "O5'" . DT  A 1 5 ? 6.310   -6.424  0.507   1.00 33.24  ? 5   DT  C "O5'" 1 
ATOM   87  C  "C5'" . DT  A 1 5 ? 5.273   -6.953  -0.296  1.00 43.68  ? 5   DT  C "C5'" 1 
ATOM   88  C  "C4'" . DT  A 1 5 ? 4.741   -5.912  -1.264  1.00 32.28  ? 5   DT  C "C4'" 1 
ATOM   89  O  "O4'" . DT  A 1 5 ? 4.173   -4.803  -0.546  1.00 29.72  ? 5   DT  C "O4'" 1 
ATOM   90  C  "C3'" . DT  A 1 5 ? 5.780   -5.298  -2.201  1.00 35.56  ? 5   DT  C "C3'" 1 
ATOM   91  O  "O3'" . DT  A 1 5 ? 5.621   -5.854  -3.493  1.00 50.71  ? 5   DT  C "O3'" 1 
ATOM   92  C  "C2'" . DT  A 1 5 ? 5.472   -3.784  -2.182  1.00 32.91  ? 5   DT  C "C2'" 1 
ATOM   93  C  "C1'" . DT  A 1 5 ? 4.148   -3.716  -1.426  1.00 34.50  ? 5   DT  C "C1'" 1 
ATOM   94  N  N1    . DT  A 1 5 ? 3.941   -2.454  -0.643  1.00 27.01  ? 5   DT  C N1    1 
ATOM   95  C  C2    . DT  A 1 5 ? 2.939   -1.591  -1.023  1.00 31.78  ? 5   DT  C C2    1 
ATOM   96  O  O2    . DT  A 1 5 ? 2.207   -1.795  -1.976  1.00 39.55  ? 5   DT  C O2    1 
ATOM   97  N  N3    . DT  A 1 5 ? 2.821   -0.470  -0.243  1.00 29.52  ? 5   DT  C N3    1 
ATOM   98  C  C4    . DT  A 1 5 ? 3.586   -0.131  0.855   1.00 41.67  ? 5   DT  C C4    1 
ATOM   99  O  O4    . DT  A 1 5 ? 3.401   0.902   1.491   1.00 52.97  ? 5   DT  C O4    1 
ATOM   100 C  C5    . DT  A 1 5 ? 4.619   -1.081  1.204   1.00 38.68  ? 5   DT  C C5    1 
ATOM   101 C  C7    . DT  A 1 5 ? 5.514   -0.821  2.377   1.00 31.42  ? 5   DT  C C7    1 
ATOM   102 C  C6    . DT  A 1 5 ? 4.745   -2.184  0.447   1.00 36.10  ? 5   DT  C C6    1 
ATOM   103 P  P     . DA  A 1 6 ? 6.677   -5.531  -4.657  1.00 40.73  ? 6   DA  C P     1 
ATOM   104 O  OP1   . DA  A 1 6 ? 6.644   -6.669  -5.605  1.00 63.19  ? 6   DA  C OP1   1 
ATOM   105 O  OP2   . DA  A 1 6 ? 7.951   -5.131  -4.018  1.00 44.52  ? 6   DA  C OP2   1 
ATOM   106 O  "O5'" . DA  A 1 6 ? 6.059   -4.248  -5.377  1.00 33.08  ? 6   DA  C "O5'" 1 
ATOM   107 C  "C5'" . DA  A 1 6 ? 4.705   -4.263  -5.815  1.00 36.37  ? 6   DA  C "C5'" 1 
ATOM   108 C  "C4'" . DA  A 1 6 ? 4.339   -2.930  -6.435  1.00 45.82  ? 6   DA  C "C4'" 1 
ATOM   109 O  "O4'" . DA  A 1 6 ? 3.973   -1.994  -5.390  1.00 50.60  ? 6   DA  C "O4'" 1 
ATOM   110 C  "C3'" . DA  A 1 6 ? 5.473   -2.275  -7.226  1.00 42.84  ? 6   DA  C "C3'" 1 
ATOM   111 O  "O3'" . DA  A 1 6 ? 5.051   -1.999  -8.562  1.00 66.91  ? 6   DA  C "O3'" 1 
ATOM   112 C  "C2'" . DA  A 1 6 ? 5.793   -0.998  -6.441  1.00 41.67  ? 6   DA  C "C2'" 1 
ATOM   113 C  "C1'" . DA  A 1 6 ? 4.499   -0.728  -5.695  1.00 33.38  ? 6   DA  C "C1'" 1 
ATOM   114 N  N9    . DA  A 1 6 ? 4.712   -0.001  -4.445  1.00 46.23  ? 6   DA  C N9    1 
ATOM   115 C  C8    . DA  A 1 6 ? 5.545   -0.362  -3.423  1.00 40.80  ? 6   DA  C C8    1 
ATOM   116 N  N7    . DA  A 1 6 ? 5.548   0.481   -2.420  1.00 45.37  ? 6   DA  C N7    1 
ATOM   117 C  C5    . DA  A 1 6 ? 4.658   1.466   -2.807  1.00 41.60  ? 6   DA  C C5    1 
ATOM   118 C  C6    . DA  A 1 6 ? 4.220   2.647   -2.176  1.00 49.01  ? 6   DA  C C6    1 
ATOM   119 N  N6    . DA  A 1 6 ? 4.645   3.038   -0.970  1.00 47.82  ? 6   DA  C N6    1 
ATOM   120 N  N1    . DA  A 1 6 ? 3.325   3.411   -2.834  1.00 51.49  ? 6   DA  C N1    1 
ATOM   121 C  C2    . DA  A 1 6 ? 2.903   3.015   -4.042  1.00 37.60  ? 6   DA  C C2    1 
ATOM   122 N  N3    . DA  A 1 6 ? 3.242   1.927   -4.735  1.00 25.24  ? 6   DA  C N3    1 
ATOM   123 C  C4    . DA  A 1 6 ? 4.132   1.188   -4.055  1.00 40.67  ? 6   DA  C C4    1 
ATOM   124 P  P     . DC  A 1 7 ? 6.135   -1.720  -9.718  1.00 55.41  ? 7   DC  C P     1 
ATOM   125 O  OP1   . DC  A 1 7 ? 5.898   -2.686  -10.815 1.00 73.62  ? 7   DC  C OP1   1 
ATOM   126 O  OP2   . DC  A 1 7 ? 7.472   -1.654  -9.078  1.00 42.85  ? 7   DC  C OP2   1 
ATOM   127 O  "O5'" . DC  A 1 7 ? 5.784   -0.240  -10.203 1.00 38.34  ? 7   DC  C "O5'" 1 
ATOM   128 C  "C5'" . DC  A 1 7 ? 5.979   0.828   -9.303  1.00 41.06  ? 7   DC  C "C5'" 1 
ATOM   129 C  "C4'" . DC  A 1 7 ? 5.286   2.092   -9.757  1.00 34.36  ? 7   DC  C "C4'" 1 
ATOM   130 O  "O4'" . DC  A 1 7 ? 4.840   2.813   -8.584  1.00 40.63  ? 7   DC  C "O4'" 1 
ATOM   131 C  "C3'" . DC  A 1 7 ? 6.201   3.072   -10.459 1.00 38.10  ? 7   DC  C "C3'" 1 
ATOM   132 O  "O3'" . DC  A 1 7 ? 5.443   4.045   -11.162 1.00 38.05  ? 7   DC  C "O3'" 1 
ATOM   133 C  "C2'" . DC  A 1 7 ? 6.928   3.691   -9.275  1.00 61.43  ? 7   DC  C "C2'" 1 
ATOM   134 C  "C1'" . DC  A 1 7 ? 5.818   3.779   -8.228  1.00 48.20  ? 7   DC  C "C1'" 1 
ATOM   135 N  N1    . DC  A 1 7 ? 6.300   3.500   -6.840  1.00 30.10  ? 7   DC  C N1    1 
ATOM   136 C  C2    . DC  A 1 7 ? 5.901   4.327   -5.786  1.00 35.26  ? 7   DC  C C2    1 
ATOM   137 O  O2    . DC  A 1 7 ? 5.134   5.271   -6.016  1.00 47.11  ? 7   DC  C O2    1 
ATOM   138 N  N3    . DC  A 1 7 ? 6.361   4.066   -4.536  1.00 40.23  ? 7   DC  C N3    1 
ATOM   139 C  C4    . DC  A 1 7 ? 7.187   3.038   -4.329  1.00 36.44  ? 7   DC  C C4    1 
ATOM   140 N  N4    . DC  A 1 7 ? 7.614   2.818   -3.081  1.00 41.25  ? 7   DC  C N4    1 
ATOM   141 C  C5    . DC  A 1 7 ? 7.611   2.192   -5.391  1.00 37.65  ? 7   DC  C C5    1 
ATOM   142 C  C6    . DC  A 1 7 ? 7.153   2.461   -6.617  1.00 35.35  ? 7   DC  C C6    1 
ATOM   143 P  P     . DG  A 1 8 ? 6.088   4.804   -12.423 1.00 31.93  ? 8   DG  C P     1 
ATOM   144 O  OP1   . DG  A 1 8 ? 5.073   5.715   -12.997 1.00 34.20  ? 8   DG  C OP1   1 
ATOM   145 O  OP2   . DG  A 1 8 ? 6.718   3.770   -13.269 1.00 32.38  ? 8   DG  C OP2   1 
ATOM   146 O  "O5'" . DG  A 1 8 ? 7.269   5.682   -11.795 1.00 46.76  ? 8   DG  C "O5'" 1 
ATOM   147 C  "C5'" . DG  A 1 8 ? 6.987   6.737   -10.884 1.00 22.72  ? 8   DG  C "C5'" 1 
ATOM   148 C  "C4'" . DG  A 1 8 ? 8.275   7.412   -10.451 1.00 24.45  ? 8   DG  C "C4'" 1 
ATOM   149 O  "O4'" . DG  A 1 8 ? 9.054   6.499   -9.637  1.00 27.78  ? 8   DG  C "O4'" 1 
ATOM   150 C  "C3'" . DG  A 1 8 ? 9.169   7.863   -11.604 1.00 23.52  ? 8   DG  C "C3'" 1 
ATOM   151 O  "O3'" . DG  A 1 8 ? 9.219   9.284   -11.637 1.00 31.48  ? 8   DG  C "O3'" 1 
ATOM   152 C  "C2'" . DG  A 1 8 ? 10.547  7.259   -11.304 1.00 23.91  ? 8   DG  C "C2'" 1 
ATOM   153 C  "C1'" . DG  A 1 8 ? 10.250  6.153   -10.295 1.00 28.99  ? 8   DG  C "C1'" 1 
ATOM   154 N  N9    . DG  A 1 8 ? 10.078  4.829   -10.884 1.00 33.83  ? 8   DG  C N9    1 
ATOM   155 C  C8    . DG  A 1 8 ? 9.897   4.524   -12.213 1.00 37.81  ? 8   DG  C C8    1 
ATOM   156 N  N7    . DG  A 1 8 ? 9.757   3.247   -12.439 1.00 40.81  ? 8   DG  C N7    1 
ATOM   157 C  C5    . DG  A 1 8 ? 9.856   2.666   -11.180 1.00 29.96  ? 8   DG  C C5    1 
ATOM   158 C  C6    . DG  A 1 8 ? 9.784   1.307   -10.796 1.00 28.88  ? 8   DG  C C6    1 
ATOM   159 O  O6    . DG  A 1 8 ? 9.615   0.313   -11.514 1.00 58.30  ? 8   DG  C O6    1 
ATOM   160 N  N1    . DG  A 1 8 ? 9.933   1.153   -9.419  1.00 33.29  ? 8   DG  C N1    1 
ATOM   161 C  C2    . DG  A 1 8 ? 10.125  2.183   -8.528  1.00 36.65  ? 8   DG  C C2    1 
ATOM   162 N  N2    . DG  A 1 8 ? 10.248  1.839   -7.239  1.00 43.90  ? 8   DG  C N2    1 
ATOM   163 N  N3    . DG  A 1 8 ? 10.196  3.462   -8.876  1.00 33.37  ? 8   DG  C N3    1 
ATOM   164 C  C4    . DG  A 1 8 ? 10.057  3.627   -10.215 1.00 32.54  ? 8   DG  C C4    1 
ATOM   165 P  P     . DC  B 1 1 ? 11.977  10.797  4.091   1.00 140.69 ? 1   DC  D P     1 
ATOM   166 O  OP1   . DC  B 1 1 ? 12.126  10.508  2.647   1.00 122.56 ? 1   DC  D OP1   1 
ATOM   167 O  OP2   . DC  B 1 1 ? 12.148  12.184  4.581   1.00 140.47 ? 1   DC  D OP2   1 
ATOM   168 O  "O5'" . DC  B 1 1 ? 10.546  10.256  4.575   1.00 129.69 ? 1   DC  D "O5'" 1 
ATOM   169 C  "C5'" . DC  B 1 1 ? 9.592   11.141  5.171   1.00 106.73 ? 1   DC  D "C5'" 1 
ATOM   170 C  "C4'" . DC  B 1 1 ? 8.934   12.034  4.128   1.00 92.61  ? 1   DC  D "C4'" 1 
ATOM   171 O  "O4'" . DC  B 1 1 ? 9.469   11.743  2.815   1.00 106.33 ? 1   DC  D "O4'" 1 
ATOM   172 C  "C3'" . DC  B 1 1 ? 7.438   11.855  3.975   1.00 72.11  ? 1   DC  D "C3'" 1 
ATOM   173 O  "O3'" . DC  B 1 1 ? 6.885   13.036  3.418   1.00 71.77  ? 1   DC  D "O3'" 1 
ATOM   174 C  "C2'" . DC  B 1 1 ? 7.358   10.681  2.999   1.00 75.23  ? 1   DC  D "C2'" 1 
ATOM   175 C  "C1'" . DC  B 1 1 ? 8.558   10.942  2.084   1.00 98.72  ? 1   DC  D "C1'" 1 
ATOM   176 N  N1    . DC  B 1 1 ? 9.276   9.700   1.655   1.00 105.05 ? 1   DC  D N1    1 
ATOM   177 C  C2    . DC  B 1 1 ? 9.983   9.688   0.444   1.00 103.17 ? 1   DC  D C2    1 
ATOM   178 O  O2    . DC  B 1 1 ? 9.995   10.707  -0.259  1.00 97.95  ? 1   DC  D O2    1 
ATOM   179 N  N3    . DC  B 1 1 ? 10.635  8.556   0.074   1.00 91.91  ? 1   DC  D N3    1 
ATOM   180 C  C4    . DC  B 1 1 ? 10.598  7.478   0.860   1.00 84.69  ? 1   DC  D C4    1 
ATOM   181 N  N4    . DC  B 1 1 ? 11.254  6.386   0.455   1.00 82.82  ? 1   DC  D N4    1 
ATOM   182 C  C5    . DC  B 1 1 ? 9.888   7.473   2.096   1.00 90.99  ? 1   DC  D C5    1 
ATOM   183 C  C6    . DC  B 1 1 ? 9.247   8.592   2.449   1.00 99.38  ? 1   DC  D C6    1 
ATOM   184 P  P     . DG  B 1 2 ? 5.333   13.388  3.631   1.00 105.08 ? 2   DG  D P     1 
ATOM   185 O  OP1   . DG  B 1 2 ? 5.190   14.860  3.567   1.00 104.65 ? 2   DG  D OP1   1 
ATOM   186 O  OP2   . DG  B 1 2 ? 4.858   12.647  4.821   1.00 98.48  ? 2   DG  D OP2   1 
ATOM   187 O  "O5'" . DG  B 1 2 ? 4.631   12.779  2.334   1.00 104.52 ? 2   DG  D "O5'" 1 
ATOM   188 C  "C5'" . DG  B 1 2 ? 5.212   12.993  1.057   1.00 79.76  ? 2   DG  D "C5'" 1 
ATOM   189 C  "C4'" . DG  B 1 2 ? 4.146   13.015  -0.021  1.00 73.02  ? 2   DG  D "C4'" 1 
ATOM   190 O  "O4'" . DG  B 1 2 ? 4.450   12.012  -1.019  1.00 67.77  ? 2   DG  D "O4'" 1 
ATOM   191 C  "C3'" . DG  B 1 2 ? 2.746   12.684  0.458   1.00 51.10  ? 2   DG  D "C3'" 1 
ATOM   192 O  "O3'" . DG  B 1 2 ? 1.793   13.267  -0.414  1.00 62.17  ? 2   DG  D "O3'" 1 
ATOM   193 C  "C2'" . DG  B 1 2 ? 2.728   11.159  0.377   1.00 48.90  ? 2   DG  D "C2'" 1 
ATOM   194 C  "C1'" . DG  B 1 2 ? 3.614   10.883  -0.842  1.00 58.99  ? 2   DG  D "C1'" 1 
ATOM   195 N  N9    . DG  B 1 2 ? 4.466   9.703   -0.693  1.00 55.02  ? 2   DG  D N9    1 
ATOM   196 C  C8    . DG  B 1 2 ? 5.263   9.389   0.382   1.00 55.51  ? 2   DG  D C8    1 
ATOM   197 N  N7    . DG  B 1 2 ? 5.919   8.272   0.234   1.00 51.48  ? 2   DG  D N7    1 
ATOM   198 C  C5    . DG  B 1 2 ? 5.535   7.815   -1.021  1.00 48.60  ? 2   DG  D C5    1 
ATOM   199 C  C6    . DG  B 1 2 ? 5.920   6.648   -1.724  1.00 54.19  ? 2   DG  D C6    1 
ATOM   200 O  O6    . DG  B 1 2 ? 6.705   5.759   -1.365  1.00 61.75  ? 2   DG  D O6    1 
ATOM   201 N  N1    . DG  B 1 2 ? 5.296   6.567   -2.966  1.00 49.28  ? 2   DG  D N1    1 
ATOM   202 C  C2    . DG  B 1 2 ? 4.412   7.493   -3.466  1.00 36.07  ? 2   DG  D C2    1 
ATOM   203 N  N2    . DG  B 1 2 ? 3.913   7.242   -4.683  1.00 34.24  ? 2   DG  D N2    1 
ATOM   204 N  N3    . DG  B 1 2 ? 4.043   8.590   -2.817  1.00 36.87  ? 2   DG  D N3    1 
ATOM   205 C  C4    . DG  B 1 2 ? 4.641   8.685   -1.605  1.00 43.53  ? 2   DG  D C4    1 
ATOM   206 P  P     . DT  B 1 3 ? 0.240   13.291  -0.010  1.00 87.10  ? 3   DT  D P     1 
ATOM   207 O  OP1   . DT  B 1 3 ? -0.337  14.546  -0.547  1.00 91.12  ? 3   DT  D OP1   1 
ATOM   208 O  OP2   . DT  B 1 3 ? 0.145   12.998  1.437   1.00 86.75  ? 3   DT  D OP2   1 
ATOM   209 O  "O5'" . DT  B 1 3 ? -0.374  12.054  -0.817  1.00 71.00  ? 3   DT  D "O5'" 1 
ATOM   210 C  "C5'" . DT  B 1 3 ? -0.252  12.015  -2.229  1.00 58.69  ? 3   DT  D "C5'" 1 
ATOM   211 C  "C4'" . DT  B 1 3 ? -0.440  10.606  -2.768  1.00 52.45  ? 3   DT  D "C4'" 1 
ATOM   212 O  "O4'" . DT  B 1 3 ? 0.644   9.749   -2.341  1.00 52.52  ? 3   DT  D "O4'" 1 
ATOM   213 C  "C3'" . DT  B 1 3 ? -1.734  9.896   -2.343  1.00 64.00  ? 3   DT  D "C3'" 1 
ATOM   214 O  "O3'" . DT  B 1 3 ? -2.502  9.602   -3.499  1.00 70.77  ? 3   DT  D "O3'" 1 
ATOM   215 C  "C2'" . DT  B 1 3 ? -1.242  8.612   -1.652  1.00 52.89  ? 3   DT  D "C2'" 1 
ATOM   216 C  "C1'" . DT  B 1 3 ? 0.138   8.446   -2.268  1.00 58.10  ? 3   DT  D "C1'" 1 
ATOM   217 N  N1    . DT  B 1 3 ? 1.077   7.597   -1.471  1.00 55.09  ? 3   DT  D N1    1 
ATOM   218 C  C2    . DT  B 1 3 ? 1.574   6.443   -2.033  1.00 48.92  ? 3   DT  D C2    1 
ATOM   219 O  O2    . DT  B 1 3 ? 1.286   6.072   -3.155  1.00 41.88  ? 3   DT  D O2    1 
ATOM   220 N  N3    . DT  B 1 3 ? 2.427   5.734   -1.229  1.00 52.32  ? 3   DT  D N3    1 
ATOM   221 C  C4    . DT  B 1 3 ? 2.825   6.055   0.054   1.00 57.62  ? 3   DT  D C4    1 
ATOM   222 O  O4    . DT  B 1 3 ? 3.598   5.353   0.697   1.00 51.90  ? 3   DT  D O4    1 
ATOM   223 C  C5    . DT  B 1 3 ? 2.267   7.277   0.586   1.00 55.57  ? 3   DT  D C5    1 
ATOM   224 C  C7    . DT  B 1 3 ? 2.627   7.729   1.971   1.00 57.78  ? 3   DT  D C7    1 
ATOM   225 C  C6    . DT  B 1 3 ? 1.428   7.981   -0.193  1.00 54.39  ? 3   DT  D C6    1 
ATOM   226 P  P     . DA  B 1 4 ? -4.049  9.184   -3.383  1.00 72.08  ? 4   DA  D P     1 
ATOM   227 O  OP1   . DA  B 1 4 ? -4.833  10.197  -4.125  1.00 80.38  ? 4   DA  D OP1   1 
ATOM   228 O  OP2   . DA  B 1 4 ? -4.365  8.906   -1.963  1.00 69.74  ? 4   DA  D OP2   1 
ATOM   229 O  "O5'" . DA  B 1 4 ? -4.115  7.799   -4.178  1.00 61.83  ? 4   DA  D "O5'" 1 
ATOM   230 C  "C5'" . DA  B 1 4 ? -3.341  7.627   -5.359  1.00 53.12  ? 4   DA  D "C5'" 1 
ATOM   231 C  "C4'" . DA  B 1 4 ? -3.143  6.154   -5.663  1.00 39.43  ? 4   DA  D "C4'" 1 
ATOM   232 O  "O4'" . DA  B 1 4 ? -2.032  5.643   -4.886  1.00 51.52  ? 4   DA  D "O4'" 1 
ATOM   233 C  "C3'" . DA  B 1 4 ? -4.344  5.266   -5.343  1.00 32.30  ? 4   DA  D "C3'" 1 
ATOM   234 O  "O3'" . DA  B 1 4 ? -4.646  4.439   -6.455  1.00 41.09  ? 4   DA  D "O3'" 1 
ATOM   235 C  "C2'" . DA  B 1 4 ? -3.894  4.449   -4.129  1.00 40.53  ? 4   DA  D "C2'" 1 
ATOM   236 C  "C1'" . DA  B 1 4 ? -2.384  4.416   -4.294  1.00 54.17  ? 4   DA  D "C1'" 1 
ATOM   237 N  N9    . DA  B 1 4 ? -1.671  4.308   -3.024  1.00 44.12  ? 4   DA  D N9    1 
ATOM   238 C  C8    . DA  B 1 4 ? -1.674  5.218   -2.006  1.00 44.77  ? 4   DA  D C8    1 
ATOM   239 N  N7    . DA  B 1 4 ? -0.942  4.865   -0.977  1.00 48.17  ? 4   DA  D N7    1 
ATOM   240 C  C5    . DA  B 1 4 ? -0.420  3.638   -1.345  1.00 39.47  ? 4   DA  D C5    1 
ATOM   241 C  C6    . DA  B 1 4 ? 0.438   2.738   -0.686  1.00 40.48  ? 4   DA  D C6    1 
ATOM   242 N  N6    . DA  B 1 4 ? 0.938   2.956   0.536   1.00 33.12  ? 4   DA  D N6    1 
ATOM   243 N  N1    . DA  B 1 4 ? 0.765   1.600   -1.332  1.00 39.82  ? 4   DA  D N1    1 
ATOM   244 C  C2    . DA  B 1 4 ? 0.263   1.385   -2.554  1.00 32.69  ? 4   DA  D C2    1 
ATOM   245 N  N3    . DA  B 1 4 ? -0.550  2.156   -3.275  1.00 36.95  ? 4   DA  D N3    1 
ATOM   246 C  C4    . DA  B 1 4 ? -0.857  3.278   -2.606  1.00 39.84  ? 4   DA  D C4    1 
ATOM   247 P  P     . DT  B 1 5 ? -6.047  3.654   -6.518  1.00 49.63  ? 5   DT  D P     1 
ATOM   248 O  OP1   . DT  B 1 5 ? -6.557  3.724   -7.906  1.00 58.23  ? 5   DT  D OP1   1 
ATOM   249 O  OP2   . DT  B 1 5 ? -6.883  4.149   -5.400  1.00 51.14  ? 5   DT  D OP2   1 
ATOM   250 O  "O5'" . DT  B 1 5 ? -5.641  2.142   -6.202  1.00 41.15  ? 5   DT  D "O5'" 1 
ATOM   251 C  "C5'" . DT  B 1 5 ? -4.569  1.542   -6.910  1.00 55.11  ? 5   DT  D "C5'" 1 
ATOM   252 C  "C4'" . DT  B 1 5 ? -4.093  0.287   -6.210  1.00 54.90  ? 5   DT  D "C4'" 1 
ATOM   253 O  "O4'" . DT  B 1 5 ? -3.408  0.637   -4.987  1.00 56.23  ? 5   DT  D "O4'" 1 
ATOM   254 C  "C3'" . DT  B 1 5 ? -5.201  -0.697  -5.815  1.00 38.74  ? 5   DT  D "C3'" 1 
ATOM   255 O  "O3'" . DT  B 1 5 ? -5.027  -1.921  -6.529  1.00 43.65  ? 5   DT  D "O3'" 1 
ATOM   256 C  "C2'" . DT  B 1 5 ? -5.026  -0.882  -4.298  1.00 29.31  ? 5   DT  D "C2'" 1 
ATOM   257 C  "C1'" . DT  B 1 5 ? -3.602  -0.399  -4.063  1.00 45.28  ? 5   DT  D "C1'" 1 
ATOM   258 N  N1    . DT  B 1 5 ? -3.363  0.135   -2.689  1.00 39.89  ? 5   DT  D N1    1 
ATOM   259 C  C2    . DT  B 1 5 ? -2.462  -0.504  -1.868  1.00 43.56  ? 5   DT  D C2    1 
ATOM   260 O  O2    . DT  B 1 5 ? -1.841  -1.498  -2.203  1.00 40.31  ? 5   DT  D O2    1 
ATOM   261 N  N3    . DT  B 1 5 ? -2.309  0.064   -0.632  1.00 37.39  ? 5   DT  D N3    1 
ATOM   262 C  C4    . DT  B 1 5 ? -2.956  1.186   -0.142  1.00 49.62  ? 5   DT  D C4    1 
ATOM   263 O  O4    . DT  B 1 5 ? -2.752  1.621   0.987   1.00 53.00  ? 5   DT  D O4    1 
ATOM   264 C  C5    . DT  B 1 5 ? -3.887  1.806   -1.053  1.00 41.63  ? 5   DT  D C5    1 
ATOM   265 C  C7    . DT  B 1 5 ? -4.647  3.030   -0.634  1.00 41.27  ? 5   DT  D C7    1 
ATOM   266 C  C6    . DT  B 1 5 ? -4.043  1.258   -2.268  1.00 42.14  ? 5   DT  D C6    1 
ATOM   267 P  P     . DA  B 1 6 ? -6.061  -3.138  -6.346  1.00 59.07  ? 6   DA  D P     1 
ATOM   268 O  OP1   . DA  B 1 6 ? -6.238  -3.769  -7.672  1.00 48.17  ? 6   DA  D OP1   1 
ATOM   269 O  OP2   . DA  B 1 6 ? -7.249  -2.651  -5.609  1.00 56.50  ? 6   DA  D OP2   1 
ATOM   270 O  "O5'" . DA  B 1 6 ? -5.267  -4.161  -5.410  1.00 58.34  ? 6   DA  D "O5'" 1 
ATOM   271 C  "C5'" . DA  B 1 6 ? -3.987  -4.646  -5.816  1.00 57.81  ? 6   DA  D "C5'" 1 
ATOM   272 C  "C4'" . DA  B 1 6 ? -3.493  -5.741  -4.885  1.00 59.87  ? 6   DA  D "C4'" 1 
ATOM   273 O  "O4'" . DA  B 1 6 ? -3.039  -5.156  -3.637  1.00 56.35  ? 6   DA  D "O4'" 1 
ATOM   274 C  "C3'" . DA  B 1 6 ? -4.533  -6.784  -4.499  1.00 62.09  ? 6   DA  D "C3'" 1 
ATOM   275 O  "O3'" . DA  B 1 6 ? -3.910  -8.052  -4.328  1.00 64.65  ? 6   DA  D "O3'" 1 
ATOM   276 C  "C2'" . DA  B 1 6 ? -5.079  -6.245  -3.180  1.00 58.88  ? 6   DA  D "C2'" 1 
ATOM   277 C  "C1'" . DA  B 1 6 ? -3.838  -5.614  -2.563  1.00 42.90  ? 6   DA  D "C1'" 1 
ATOM   278 N  N9    . DA  B 1 6 ? -4.134  -4.471  -1.709  1.00 44.62  ? 6   DA  D N9    1 
ATOM   279 C  C8    . DA  B 1 6 ? -4.941  -3.408  -2.007  1.00 47.00  ? 6   DA  D C8    1 
ATOM   280 N  N7    . DA  B 1 6 ? -5.015  -2.514  -1.050  1.00 49.02  ? 6   DA  D N7    1 
ATOM   281 C  C5    . DA  B 1 6 ? -4.197  -3.023  -0.056  1.00 41.54  ? 6   DA  D C5    1 
ATOM   282 C  C6    . DA  B 1 6 ? -3.849  -2.547  1.224   1.00 49.24  ? 6   DA  D C6    1 
ATOM   283 N  N6    . DA  B 1 6 ? -4.308  -1.400  1.732   1.00 54.84  ? 6   DA  D N6    1 
ATOM   284 N  N1    . DA  B 1 6 ? -3.007  -3.299  1.962   1.00 50.99  ? 6   DA  D N1    1 
ATOM   285 C  C2    . DA  B 1 6 ? -2.551  -4.449  1.450   1.00 44.90  ? 6   DA  D C2    1 
ATOM   286 N  N3    . DA  B 1 6 ? -2.806  -4.998  0.263   1.00 38.66  ? 6   DA  D N3    1 
ATOM   287 C  C4    . DA  B 1 6 ? -3.644  -4.228  -0.448  1.00 39.59  ? 6   DA  D C4    1 
ATOM   288 P  P     . DC  B 1 7 ? -4.804  -9.372  -4.122  1.00 64.63  ? 7   DC  D P     1 
ATOM   289 O  OP1   . DC  B 1 7 ? -3.999  -10.523 -4.593  1.00 59.25  ? 7   DC  D OP1   1 
ATOM   290 O  OP2   . DC  B 1 7 ? -6.140  -9.113  -4.706  1.00 67.66  ? 7   DC  D OP2   1 
ATOM   291 O  "O5'" . DC  B 1 7 ? -4.969  -9.483  -2.534  1.00 62.98  ? 7   DC  D "O5'" 1 
ATOM   292 C  "C5'" . DC  B 1 7 ? -3.855  -9.869  -1.740  1.00 55.43  ? 7   DC  D "C5'" 1 
ATOM   293 C  "C4'" . DC  B 1 7 ? -4.210  -9.912  -0.262  1.00 51.14  ? 7   DC  D "C4'" 1 
ATOM   294 O  "O4'" . DC  B 1 7 ? -4.352  -8.568  0.259   1.00 57.16  ? 7   DC  D "O4'" 1 
ATOM   295 C  "C3'" . DC  B 1 7 ? -5.509  -10.649 0.091   1.00 50.80  ? 7   DC  D "C3'" 1 
ATOM   296 O  "O3'" . DC  B 1 7 ? -5.233  -11.652 1.058   1.00 52.56  ? 7   DC  D "O3'" 1 
ATOM   297 C  "C2'" . DC  B 1 7 ? -6.411  -9.547  0.665   1.00 54.39  ? 7   DC  D "C2'" 1 
ATOM   298 C  "C1'" . DC  B 1 7 ? -5.383  -8.572  1.212   1.00 56.44  ? 7   DC  D "C1'" 1 
ATOM   299 N  N1    . DC  B 1 7 ? -5.891  -7.175  1.379   1.00 50.80  ? 7   DC  D N1    1 
ATOM   300 C  C2    . DC  B 1 7 ? -5.509  -6.429  2.502   1.00 43.37  ? 7   DC  D C2    1 
ATOM   301 O  O2    . DC  B 1 7 ? -4.756  -6.942  3.339   1.00 45.01  ? 7   DC  D O2    1 
ATOM   302 N  N3    . DC  B 1 7 ? -5.973  -5.163  2.640   1.00 46.72  ? 7   DC  D N3    1 
ATOM   303 C  C4    . DC  B 1 7 ? -6.781  -4.643  1.715   1.00 50.46  ? 7   DC  D C4    1 
ATOM   304 N  N4    . DC  B 1 7 ? -7.213  -3.391  1.896   1.00 49.71  ? 7   DC  D N4    1 
ATOM   305 C  C5    . DC  B 1 7 ? -7.183  -5.386  0.564   1.00 41.92  ? 7   DC  D C5    1 
ATOM   306 C  C6    . DC  B 1 7 ? -6.719  -6.634  0.438   1.00 47.47  ? 7   DC  D C6    1 
ATOM   307 P  P     . DG  B 1 8 ? -6.265  -12.859 1.292   1.00 63.36  ? 8   DG  D P     1 
ATOM   308 O  OP1   . DG  B 1 8 ? -5.506  -14.004 1.846   1.00 74.47  ? 8   DG  D OP1   1 
ATOM   309 O  OP2   . DG  B 1 8 ? -7.034  -13.024 0.039   1.00 50.88  ? 8   DG  D OP2   1 
ATOM   310 O  "O5'" . DG  B 1 8 ? -7.261  -12.301 2.411   1.00 32.56  ? 8   DG  D "O5'" 1 
ATOM   311 C  "C5'" . DG  B 1 8 ? -6.745  -11.738 3.613   1.00 42.82  ? 8   DG  D "C5'" 1 
ATOM   312 C  "C4'" . DG  B 1 8 ? -7.873  -11.402 4.570   1.00 43.19  ? 8   DG  D "C4'" 1 
ATOM   313 O  "O4'" . DG  B 1 8 ? -8.737  -10.414 3.956   1.00 49.85  ? 8   DG  D "O4'" 1 
ATOM   314 C  "C3'" . DG  B 1 8 ? -8.764  -12.587 4.949   1.00 43.51  ? 8   DG  D "C3'" 1 
ATOM   315 O  "O3'" . DG  B 1 8 ? -8.486  -12.998 6.279   1.00 50.23  ? 8   DG  D "O3'" 1 
ATOM   316 C  "C2'" . DG  B 1 8 ? -10.186 -12.037 4.826   1.00 49.81  ? 8   DG  D "C2'" 1 
ATOM   317 C  "C1'" . DG  B 1 8 ? -10.027 -10.951 3.774   1.00 34.34  ? 8   DG  D "C1'" 1 
ATOM   318 N  N9    . DG  B 1 8 ? -10.139 -11.437 2.398   1.00 32.49  ? 8   DG  D N9    1 
ATOM   319 C  C8    . DG  B 1 8 ? -10.267 -12.744 1.987   1.00 49.52  ? 8   DG  D C8    1 
ATOM   320 N  N7    . DG  B 1 8 ? -10.346 -12.873 0.692   1.00 54.69  ? 8   DG  D N7    1 
ATOM   321 C  C5    . DG  B 1 8 ? -10.269 -11.573 0.214   1.00 30.86  ? 8   DG  D C5    1 
ATOM   322 C  C6    . DG  B 1 8 ? -10.305 -11.088 -1.111  1.00 30.01  ? 8   DG  D C6    1 
ATOM   323 O  O6    . DG  B 1 8 ? -10.412 -11.739 -2.160  1.00 49.85  ? 8   DG  D O6    1 
ATOM   324 N  N1    . DG  B 1 8 ? -10.200 -9.701  -1.158  1.00 32.00  ? 8   DG  D N1    1 
ATOM   325 C  C2    . DG  B 1 8 ? -10.075 -8.884  -0.059  1.00 30.89  ? 8   DG  D C2    1 
ATOM   326 N  N2    . DG  B 1 8 ? -9.987  -7.571  -0.304  1.00 43.11  ? 8   DG  D N2    1 
ATOM   327 N  N3    . DG  B 1 8 ? -10.043 -9.324  1.190   1.00 31.71  ? 8   DG  D N3    1 
ATOM   328 C  C4    . DG  B 1 8 ? -10.144 -10.674 1.254   1.00 32.28  ? 8   DG  D C4    1 
HETATM 329 MN MN    . MN  C 2 . ? 8.505   3.001   -13.764 0.52 23.49  ? 101 MN  C MN    1 
HETATM 330 MN MN    . MN  D 2 . ? -11.090 -14.644 -0.541  1.00 67.14  ? 101 MN  D MN    1 
HETATM 331 MN MN    . MN  E 2 . ? -3.609  -14.703 2.295   1.00 70.54  ? 102 MN  D MN    1 
HETATM 332 MN MN    . MN  F 2 . ? -9.816  -12.558 8.652   1.00 90.33  ? 103 MN  D MN    1 
HETATM 333 O  O     . HOH G 3 . ? 9.830   1.792   -14.901 1.00 34.31  ? 201 HOH C O     1 
HETATM 334 O  O     . HOH G 3 . ? -10.963 6.156   15.925  1.00 43.13  ? 202 HOH C O     1 
HETATM 335 O  O     . HOH H 3 . ? -9.229  -14.395 -1.876  1.00 66.85  ? 201 HOH D O     1 
HETATM 336 O  O     . HOH H 3 . ? -11.086 -15.651 1.349   1.00 48.62  ? 202 HOH D O     1 
HETATM 337 O  O     . HOH H 3 . ? -8.814  -15.818 0.057   1.00 40.58  ? 203 HOH D O     1 
HETATM 338 O  O     . HOH H 3 . ? -10.860 -16.555 -1.553  1.00 68.39  ? 204 HOH D O     1 
# 
loop_
_atom_site_anisotrop.id 
_atom_site_anisotrop.type_symbol 
_atom_site_anisotrop.pdbx_label_atom_id 
_atom_site_anisotrop.pdbx_label_alt_id 
_atom_site_anisotrop.pdbx_label_comp_id 
_atom_site_anisotrop.pdbx_label_asym_id 
_atom_site_anisotrop.pdbx_label_seq_id 
_atom_site_anisotrop.pdbx_PDB_ins_code 
_atom_site_anisotrop.U[1][1] 
_atom_site_anisotrop.U[2][2] 
_atom_site_anisotrop.U[3][3] 
_atom_site_anisotrop.U[1][2] 
_atom_site_anisotrop.U[1][3] 
_atom_site_anisotrop.U[2][3] 
_atom_site_anisotrop.pdbx_auth_seq_id 
_atom_site_anisotrop.pdbx_auth_comp_id 
_atom_site_anisotrop.pdbx_auth_asym_id 
_atom_site_anisotrop.pdbx_auth_atom_id 
1   P P     . DC A 1 ? 1.6028 1.3593 1.4462 -0.1198 0.1731  -0.0813 1 DC C P     
2   O OP1   . DC A 1 ? 1.5440 1.3021 1.3894 -0.1138 0.1727  -0.0775 1 DC C OP1   
3   O OP2   . DC A 1 ? 1.5845 1.3444 1.4399 -0.1214 0.1829  -0.0848 1 DC C OP2   
4   O "O5'" . DC A 1 ? 1.4131 1.1666 1.2542 -0.1192 0.1663  -0.0804 1 DC C "O5'" 
5   C "C5'" . DC A 1 ? 1.2861 1.0353 1.1143 -0.1251 0.1593  -0.0820 1 DC C "C5'" 
6   C "C4'" . DC A 1 ? 1.1759 0.9217 0.9997 -0.1231 0.1520  -0.0801 1 DC C "C4'" 
7   O "O4'" . DC A 1 ? 1.2628 1.0079 1.0869 -0.1157 0.1493  -0.0761 1 DC C "O4'" 
8   C "C3'" . DC A 1 ? 1.0008 0.7484 0.8368 -0.1232 0.1557  -0.0813 1 DC C "C3'" 
9   O "O3'" . DC A 1 ? 0.9768 0.7202 0.8037 -0.1248 0.1479  -0.0808 1 DC C "O3'" 
10  C "C2'" . DC A 1 ? 1.1694 0.9206 1.0197 -0.1150 0.1607  -0.0782 1 DC C "C2'" 
11  C "C1'" . DC A 1 ? 1.2636 1.0110 1.1016 -0.1107 0.1531  -0.0748 1 DC C "C1'" 
12  N N1    . DC A 1 ? 1.2502 1.0007 1.0972 -0.1032 0.1572  -0.0715 1 DC C N1    
13  C C2    . DC A 1 ? 1.2982 1.0450 1.1355 -0.0979 0.1503  -0.0678 1 DC C C2    
14  O O2    . DC A 1 ? 1.3537 1.0945 1.1746 -0.0993 0.1410  -0.0675 1 DC C O2    
15  N N3    . DC A 1 ? 1.2424 0.9924 1.0880 -0.0912 0.1539  -0.0645 1 DC C N3    
16  C C4    . DC A 1 ? 1.1367 0.8938 1.0000 -0.0896 0.1639  -0.0649 1 DC C C4    
17  N N4    . DC A 1 ? 1.2036 0.9642 1.0749 -0.0829 0.1669  -0.0614 1 DC C N4    
18  C C5    . DC A 1 ? 1.0916 0.8525 0.9648 -0.0945 0.1709  -0.0689 1 DC C C5    
19  C C6    . DC A 1 ? 1.1473 0.9044 1.0117 -0.1012 0.1672  -0.0721 1 DC C C6    
20  P P     . DG A 2 ? 1.3514 1.0922 1.1679 -0.1335 0.1437  -0.0839 2 DG C P     
21  O OP1   . DG A 2 ? 1.3790 1.1207 1.1920 -0.1377 0.1466  -0.0862 2 DG C OP1   
22  O OP2   . DG A 2 ? 1.0946 0.8365 0.9206 -0.1357 0.1460  -0.0850 2 DG C OP2   
23  O "O5'" . DG A 2 ? 1.2261 0.9614 1.0243 -0.1330 0.1322  -0.0819 2 DG C "O5'" 
24  C "C5'" . DG A 2 ? 0.9127 0.6457 0.7072 -0.1255 0.1282  -0.0783 2 DG C "C5'" 
25  C "C4'" . DG A 2 ? 0.7414 0.4688 0.5197 -0.1248 0.1175  -0.0771 2 DG C "C4'" 
26  O "O4'" . DG A 2 ? 0.7657 0.4902 0.5404 -0.1158 0.1139  -0.0735 2 DG C "O4'" 
27  C "C3'" . DG A 2 ? 0.7809 0.5071 0.5605 -0.1279 0.1165  -0.0785 2 DG C "C3'" 
28  O "O3'" . DG A 2 ? 0.9189 0.6406 0.6799 -0.1292 0.1059  -0.0782 2 DG C "O3'" 
29  C "C2'" . DG A 2 ? 0.8102 0.5357 0.6004 -0.1201 0.1201  -0.0759 2 DG C "C2'" 
30  C "C1'" . DG A 2 ? 0.7981 0.5209 0.5792 -0.1120 0.1156  -0.0728 2 DG C "C1'" 
31  N N9    . DG A 2 ? 0.7598 0.4851 0.5558 -0.1046 0.1227  -0.0702 2 DG C N9    
32  C C8    . DG A 2 ? 0.8092 0.5414 0.6252 -0.1054 0.1332  -0.0707 2 DG C C8    
33  N N7    . DG A 2 ? 0.8857 0.6197 0.7125 -0.0971 0.1375  -0.0674 2 DG C N7    
34  C C5    . DG A 2 ? 0.6295 0.3570 0.4419 -0.0901 0.1293  -0.0646 2 DG C C5    
35  C C6    . DG A 2 ? 0.7510 0.4772 0.5657 -0.0788 0.1292  -0.0600 2 DG C C6    
36  O O6    . DG A 2 ? 0.8204 0.5521 0.6524 -0.0734 0.1365  -0.0573 2 DG C O6    
37  N N1    . DG A 2 ? 0.7466 0.4653 0.5405 -0.0729 0.1187  -0.0584 2 DG C N1    
38  C C2    . DG A 2 ? 0.6167 0.3308 0.3908 -0.0775 0.1095  -0.0608 2 DG C C2    
39  N N2    . DG A 2 ? 0.5139 0.2229 0.2682 -0.0691 0.0995  -0.0583 2 DG C N2    
40  N N3    . DG A 2 ? 0.5494 0.2650 0.3226 -0.0887 0.1098  -0.0647 2 DG C N3    
41  C C4    . DG A 2 ? 0.6344 0.3564 0.4271 -0.0944 0.1200  -0.0664 2 DG C C4    
42  P P     . DT A 3 ? 0.9017 0.6215 0.6588 -0.1334 0.1023  -0.0796 3 DT C P     
43  O OP1   . DT A 3 ? 0.8541 0.5727 0.5943 -0.1379 0.0934  -0.0803 3 DT C OP1   
44  O OP2   . DT A 3 ? 0.8323 0.5564 0.6084 -0.1382 0.1116  -0.0814 3 DT C OP2   
45  O "O5'" . DT A 3 ? 0.8243 0.5391 0.5748 -0.1240 0.0980  -0.0770 3 DT C "O5'" 
46  C "C5'" . DT A 3 ? 0.6837 0.3954 0.4152 -0.1170 0.0877  -0.0747 3 DT C "C5'" 
47  C "C4'" . DT A 3 ? 0.5983 0.3076 0.3268 -0.1047 0.0862  -0.0714 3 DT C "C4'" 
48  O "O4'" . DT A 3 ? 0.7542 0.4650 0.5020 -0.1007 0.0961  -0.0700 3 DT C "O4'" 
49  C "C3'" . DT A 3 ? 0.6830 0.4115 0.4246 -0.0972 0.0817  -0.0633 3 DT C "C3'" 
50  O "O3'" . DT A 3 ? 0.7897 0.5231 0.5154 -0.0866 0.0695  -0.0578 3 DT C "O3'" 
51  C "C2'" . DT A 3 ? 0.7856 0.5256 0.5541 -0.0884 0.0897  -0.0573 3 DT C "C2'" 
52  C "C1'" . DT A 3 ? 0.7820 0.5099 0.5463 -0.0870 0.0946  -0.0604 3 DT C "C1'" 
53  N N1    . DT A 3 ? 0.6134 0.3448 0.4022 -0.0853 0.1064  -0.0593 3 DT C N1    
54  C C2    . DT A 3 ? 0.5729 0.3112 0.3710 -0.0717 0.1068  -0.0525 3 DT C C2    
55  O O2    . DT A 3 ? 0.5712 0.3125 0.3581 -0.0607 0.0978  -0.0474 3 DT C O2    
56  N N3    . DT A 3 ? 0.5391 0.2805 0.3597 -0.0712 0.1182  -0.0521 3 DT C N3    
57  C C4    . DT A 3 ? 0.6765 0.4139 0.5103 -0.0825 0.1289  -0.0575 3 DT C C4    
58  O O4    . DT A 3 ? 0.7839 0.5243 0.6374 -0.0806 0.1388  -0.0565 3 DT C O4    
59  C C5    . DT A 3 ? 0.7094 0.4390 0.5320 -0.0964 0.1278  -0.0644 3 DT C C5    
60  C C7    . DT A 3 ? 0.5529 0.2834 0.3892 -0.1071 0.1373  -0.0690 3 DT C C7    
61  C C6    . DT A 3 ? 0.8205 0.5476 0.6215 -0.0972 0.1167  -0.0649 3 DT C C6    
62  P P     . DA A 4 ? 0.7865 0.5382 0.5165 -0.0800 0.0615  -0.0503 4 DA C P     
63  O OP1   . DA A 4 ? 0.7980 0.5440 0.5010 -0.0806 0.0500  -0.0517 4 DA C OP1   
64  O OP2   . DA A 4 ? 0.6802 0.4402 0.4308 -0.0884 0.0685  -0.0508 4 DA C OP2   
65  O "O5'" . DA A 4 ? 0.6775 0.4431 0.4193 -0.0616 0.0594  -0.0399 4 DA C "O5'" 
66  C "C5'" . DA A 4 ? 0.5495 0.3072 0.2815 -0.0529 0.0575  -0.0389 4 DA C "C5'" 
67  C "C4'" . DA A 4 ? 0.5587 0.3308 0.3083 -0.0371 0.0584  -0.0294 4 DA C "C4'" 
68  O "O4'" . DA A 4 ? 0.7690 0.5404 0.5401 -0.0395 0.0704  -0.0308 4 DA C "O4'" 
69  C "C3'" . DA A 4 ? 0.4454 0.2382 0.2091 -0.0296 0.0548  -0.0211 4 DA C "C3'" 
70  O "O3'" . DA A 4 ? 0.7263 0.5283 0.4874 -0.0124 0.0477  -0.0122 4 DA C "O3'" 
71  C "C2'" . DA A 4 ? 0.5536 0.3542 0.3467 -0.0335 0.0666  -0.0205 4 DA C "C2'" 
72  C "C1'" . DA A 4 ? 0.6247 0.4141 0.4208 -0.0326 0.0739  -0.0235 4 DA C "C1'" 
73  N N9    . DA A 4 ? 0.5800 0.3674 0.3966 -0.0416 0.0867  -0.0276 4 DA C N9    
74  C C8    . DA A 4 ? 0.6017 0.3843 0.4220 -0.0566 0.0924  -0.0343 4 DA C C8    
75  N N7    . DA A 4 ? 0.5627 0.3435 0.4018 -0.0614 0.1041  -0.0367 4 DA C N7    
76  C C5    . DA A 4 ? 0.5661 0.3516 0.4148 -0.0489 0.1062  -0.0313 4 DA C C5    
77  C C6    . DA A 4 ? 0.5095 0.2962 0.3786 -0.0463 0.1168  -0.0305 4 DA C C6    
78  N N6    . DA A 4 ? 0.4555 0.2382 0.3387 -0.0568 0.1278  -0.0355 4 DA C N6    
79  N N1    . DA A 4 ? 0.4334 0.2251 0.3069 -0.0327 0.1157  -0.0243 4 DA C N1    
80  C C2    . DA A 4 ? 0.5460 0.3408 0.4042 -0.0222 0.1046  -0.0194 4 DA C C2    
81  N N3    . DA A 4 ? 0.5589 0.3525 0.3972 -0.0229 0.0941  -0.0195 4 DA C N3    
82  C C4    . DA A 4 ? 0.5501 0.3394 0.3850 -0.0367 0.0956  -0.0257 4 DA C C4    
83  P P     . DT A 5 ? 0.8225 0.6461 0.5919 -0.0014 0.0408  -0.0023 5 DT C P     
84  O OP1   . DT A 5 ? 0.7084 0.5304 0.4539 0.0094  0.0288  0.0014  5 DT C OP1   
85  O OP2   . DT A 5 ? 0.4335 0.2646 0.2126 -0.0127 0.0432  -0.0043 5 DT C OP2   
86  O "O5'" . DT A 5 ? 0.5437 0.3804 0.3390 0.0103  0.0470  0.0053  5 DT C "O5'" 
87  C "C5'" . DT A 5 ? 0.6788 0.5086 0.4723 0.0191  0.0485  0.0066  5 DT C "C5'" 
88  C "C4'" . DT A 5 ? 0.5221 0.3606 0.3439 0.0228  0.0588  0.0100  5 DT C "C4'" 
89  O "O4'" . DT A 5 ? 0.4876 0.3199 0.3219 0.0078  0.0694  0.0027  5 DT C "O4'" 
90  C "C3'" . DT A 5 ? 0.5492 0.4101 0.3917 0.0327  0.0580  0.0196  5 DT C "C3'" 
91  O "O3'" . DT A 5 ? 0.7381 0.6055 0.5833 0.0495  0.0550  0.0275  5 DT C "O3'" 
92  C "C2'" . DT A 5 ? 0.5054 0.3705 0.3744 0.0237  0.0703  0.0174  5 DT C "C2'" 
93  C "C1'" . DT A 5 ? 0.5344 0.3795 0.3968 0.0119  0.0775  0.0074  5 DT C "C1'" 
94  N N1    . DT A 5 ? 0.4363 0.2778 0.3120 -0.0034 0.0874  0.0009  5 DT C N1    
95  C C2    . DT A 5 ? 0.4916 0.3302 0.3855 -0.0056 0.0988  -0.0010 5 DT C C2    
96  O O2    . DT A 5 ? 0.5876 0.4271 0.4880 0.0041  0.1013  0.0025  5 DT C O2    
97  N N3    . DT A 5 ? 0.4610 0.2955 0.3650 -0.0196 0.1074  -0.0070 5 DT C N3    
98  C C4    . DT A 5 ? 0.6176 0.4503 0.5154 -0.0318 0.1056  -0.0113 5 DT C C4    
99  O O4    . DT A 5 ? 0.7591 0.5872 0.6663 -0.0440 0.1138  -0.0168 5 DT C O4    
100 C C5    . DT A 5 ? 0.5847 0.4213 0.4638 -0.0291 0.0933  -0.0090 5 DT C C5    
101 C C7    . DT A 5 ? 0.4958 0.3314 0.3668 -0.0417 0.0901  -0.0132 5 DT C C7    
102 C C6    . DT A 5 ? 0.5539 0.3946 0.4230 -0.0150 0.0849  -0.0031 5 DT C C6    
103 P P     . DA A 6 ? 0.5980 0.4888 0.4607 0.0636  0.0523  0.0389  6 DA C P     
104 O OP1   . DA A 6 ? 0.8862 0.7779 0.7370 0.0804  0.0445  0.0454  6 DA C OP1   
105 O OP2   . DA A 6 ? 0.6419 0.5436 0.5061 0.0579  0.0488  0.0399  6 DA C OP2   
106 O "O5'" . DA A 6 ? 0.4889 0.3861 0.3819 0.0630  0.0646  0.0402  6 DA C "O5'" 
107 C "C5'" . DA A 6 ? 0.5329 0.4195 0.4296 0.0642  0.0712  0.0377  6 DA C "C5'" 
108 C "C4'" . DA A 6 ? 0.6397 0.5349 0.5663 0.0632  0.0826  0.0393  6 DA C "C4'" 
109 O "O4'" . DA A 6 ? 0.7012 0.5879 0.6335 0.0461  0.0910  0.0308  6 DA C "O4'" 
110 C "C3'" . DA A 6 ? 0.5881 0.5054 0.5343 0.0713  0.0817  0.0484  6 DA C "C3'" 
111 O "O3'" . DA A 6 ? 0.8841 0.8099 0.8484 0.0836  0.0859  0.0551  6 DA C "O3'" 
112 C "C2'" . DA A 6 ? 0.5676 0.4873 0.5283 0.0566  0.0890  0.0440  6 DA C "C2'" 
113 C "C1'" . DA A 6 ? 0.4702 0.3707 0.4274 0.0441  0.0973  0.0339  6 DA C "C1'" 
114 N N9    . DA A 6 ? 0.6353 0.5294 0.5917 0.0271  0.1012  0.0264  6 DA C N9    
115 C C8    . DA A 6 ? 0.5726 0.4647 0.5127 0.0194  0.0941  0.0235  6 DA C C8    
116 N N7    . DA A 6 ? 0.6315 0.5174 0.5749 0.0039  0.0998  0.0166  6 DA C N7    
117 C C5    . DA A 6 ? 0.5781 0.4616 0.5410 0.0016  0.1115  0.0149  6 DA C C5    
118 C C6    . DA A 6 ? 0.6705 0.5468 0.6448 -0.0120 0.1220  0.0085  6 DA C C6    
119 N N6    . DA A 6 ? 0.6599 0.5299 0.6272 -0.0265 0.1222  0.0023  6 DA C N6    
120 N N1    . DA A 6 ? 0.6959 0.5717 0.6889 -0.0099 0.1323  0.0088  6 DA C N1    
121 C C2    . DA A 6 ? 0.5156 0.3977 0.5154 0.0046  0.1320  0.0150  6 DA C C2    
122 N N3    . DA A 6 ? 0.3599 0.2487 0.3503 0.0179  0.1225  0.0214  6 DA C N3    
123 C C4    . DA A 6 ? 0.5616 0.4505 0.5331 0.0157  0.1126  0.0210  6 DA C C4    
124 P P     . DC A 7 ? 0.7250 0.6742 0.7061 0.0976  0.0827  0.0666  7 DC C P     
125 O OP1   . DC A 7 ? 0.9573 0.9083 0.9318 0.1146  0.0773  0.0731  7 DC C OP1   
126 O OP2   . DC A 7 ? 0.5643 0.5232 0.5408 0.0934  0.0764  0.0680  7 DC C OP2   
127 O "O5'" . DC A 7 ? 0.4962 0.4529 0.5078 0.0941  0.0950  0.0674  7 DC C "O5'" 
128 C "C5'" . DC A 7 ? 0.5280 0.4834 0.5489 0.0787  0.1013  0.0618  7 DC C "C5'" 
129 C "C4'" . DC A 7 ? 0.4341 0.3912 0.4804 0.0755  0.1137  0.0612  7 DC C "C4'" 
130 O "O4'" . DC A 7 ? 0.5180 0.4620 0.5637 0.0580  0.1209  0.0515  7 DC C "O4'" 
131 C "C3'" . DC A 7 ? 0.4669 0.4439 0.5368 0.0796  0.1159  0.0688  7 DC C "C3'" 
132 O "O3'" . DC A 7 ? 0.4582 0.4368 0.5508 0.0808  0.1267  0.0697  7 DC C "O3'" 
133 C "C2'" . DC A 7 ? 0.7633 0.7396 0.8313 0.0643  0.1161  0.0640  7 DC C "C2'" 
134 C "C1'" . DC A 7 ? 0.6065 0.5607 0.6641 0.0505  0.1223  0.0527  7 DC C "C1'" 
135 N N1    . DC A 7 ? 0.3865 0.3320 0.4251 0.0375  0.1175  0.0460  7 DC C N1    
136 C C2    . DC A 7 ? 0.4555 0.3886 0.4954 0.0208  0.1251  0.0372  7 DC C C2    
137 O O2    . DC A 7 ? 0.6013 0.5309 0.6578 0.0174  0.1358  0.0349  7 DC C O2    
138 N N3    . DC A 7 ? 0.5269 0.4523 0.5494 0.0091  0.1205  0.0313  7 DC C N3    
139 C C4    . DC A 7 ? 0.4833 0.4131 0.4882 0.0136  0.1091  0.0340  7 DC C C4    
140 N N4    . DC A 7 ? 0.5525 0.4743 0.5407 0.0016  0.1049  0.0280  7 DC C N4    
141 C C5    . DC A 7 ? 0.4951 0.4373 0.4982 0.0308  0.1012  0.0431  7 DC C C5    
142 C C6    . DC A 7 ? 0.4578 0.4073 0.4780 0.0421  0.1058  0.0487  7 DC C C6    
143 P P     . DG A 8 ? 0.3651 0.3649 0.4832 0.0916  0.1289  0.0799  8 DG C P     
144 O OP1   . DG A 8 ? 0.3908 0.3856 0.5230 0.0875  0.1363  0.0778  8 DG C OP1   
145 O OP2   . DG A 8 ? 0.3700 0.3808 0.4793 0.1068  0.1179  0.0882  8 DG C OP2   
146 O "O5'" . DG A 8 ? 0.5469 0.5568 0.6730 0.0815  0.1285  0.0805  8 DG C "O5'" 
147 C "C5'" . DG A 8 ? 0.2434 0.2441 0.3758 0.0651  0.1368  0.0729  8 DG C "C5'" 
148 C "C4'" . DG A 8 ? 0.2592 0.2719 0.3977 0.0577  0.1343  0.0755  8 DG C "C4'" 
149 O "O4'" . DG A 8 ? 0.3090 0.3210 0.4255 0.0549  0.1237  0.0742  8 DG C "O4'" 
150 C "C3'" . DG A 8 ? 0.2332 0.2688 0.3916 0.0690  0.1328  0.0866  8 DG C "C3'" 
151 O "O3'" . DG A 8 ? 0.3257 0.3648 0.5053 0.0608  0.1419  0.0863  8 DG C "O3'" 
152 C "C2'" . DG A 8 ? 0.2378 0.2860 0.3849 0.0707  0.1212  0.0914  8 DG C "C2'" 
153 C "C1'" . DG A 8 ? 0.3167 0.3488 0.4360 0.0659  0.1152  0.0841  8 DG C "C1'" 
154 N N9    . DG A 8 ? 0.3829 0.4149 0.4877 0.0805  0.1076  0.0878  8 DG C N9    
155 C C8    . DG A 8 ? 0.4270 0.4685 0.5409 0.0970  0.1070  0.0956  8 DG C C8    
156 N N7    . DG A 8 ? 0.4726 0.5101 0.5679 0.1072  0.0993  0.0970  8 DG C N7    
157 C C5    . DG A 8 ? 0.3469 0.3717 0.4197 0.0967  0.0944  0.0897  8 DG C C5    
158 C C6    . DG A 8 ? 0.3455 0.3605 0.3915 0.1005  0.0855  0.0877  8 DG C C6    
159 O O6    . DG A 8 ? 0.7213 0.7364 0.7575 0.1144  0.0798  0.0920  8 DG C O6    
160 N N1    . DG A 8 ? 0.4105 0.4141 0.4402 0.0862  0.0833  0.0796  8 DG C N1    
161 C C2    . DG A 8 ? 0.4511 0.4526 0.4887 0.0702  0.0889  0.0742  8 DG C C2    
162 N N2    . DG A 8 ? 0.5532 0.5430 0.5719 0.0580  0.0855  0.0668  8 DG C N2    
163 N N3    . DG A 8 ? 0.3987 0.4087 0.4606 0.0664  0.0972  0.0762  8 DG C N3    
164 C C4    . DG A 8 ? 0.3787 0.4003 0.4573 0.0802  0.0995  0.0840  8 DG C C4    
165 P P     . DC B 1 ? 1.7176 1.9964 1.6317 -0.1950 0.1246  -0.2217 1 DC D P     
166 O OP1   . DC B 1 ? 1.5063 1.7406 1.4098 -0.1866 0.1248  -0.2179 1 DC D OP1   
167 O OP2   . DC B 1 ? 1.7077 1.9936 1.6359 -0.2010 0.1303  -0.2318 1 DC D OP2   
168 O "O5'" . DC B 1 ? 1.5772 1.8646 1.4856 -0.1959 0.1216  -0.2152 1 DC D "O5'" 
169 C "C5'" . DC B 1 ? 1.2821 1.5745 1.1985 -0.2010 0.1255  -0.2200 1 DC D "C5'" 
170 C "C4'" . DC B 1 ? 1.1183 1.3658 1.0345 -0.1978 0.1313  -0.2231 1 DC D "C4'" 
171 O "O4'" . DC B 1 ? 1.3070 1.5181 1.2149 -0.1900 0.1307  -0.2202 1 DC D "O4'" 
172 C "C3'" . DC B 1 ? 0.8660 1.0979 0.7762 -0.1967 0.1312  -0.2190 1 DC D "C3'" 
173 O "O3'" . DC B 1 ? 0.8694 1.0718 0.7856 -0.1962 0.1372  -0.2239 1 DC D "O3'" 
174 C "C2'" . DC B 1 ? 0.9195 1.1256 0.8135 -0.1893 0.1260  -0.2104 1 DC D "C2'" 
175 C "C1'" . DC B 1 ? 1.2245 1.4077 1.1186 -0.1844 0.1272  -0.2126 1 DC D "C1'" 
176 N N1    . DC B 1 ? 1.3094 1.4910 1.1911 -0.1797 0.1207  -0.2059 1 DC D N1    
177 C C2    . DC B 1 ? 1.2997 1.4447 1.1758 -0.1725 0.1206  -0.2052 1 DC D C2    
178 O O2    . DC B 1 ? 1.2411 1.3577 1.1229 -0.1695 0.1256  -0.2088 1 DC D O2    
179 N N3    . DC B 1 ? 1.1617 1.3048 1.0258 -0.1685 0.1144  -0.1993 1 DC D N3    
180 C C4    . DC B 1 ? 1.0606 1.2384 0.9189 -0.1716 0.1079  -0.1928 1 DC D C4    
181 N N4    . DC B 1 ? 1.0417 1.2173 0.8878 -0.1676 0.1010  -0.1857 1 DC D N4    
182 C C5    . DC B 1 ? 1.1250 1.3424 0.9898 -0.1782 0.1077  -0.1915 1 DC D C5    
183 C C6    . DC B 1 ? 1.2277 1.4444 1.1037 -0.1821 0.1144  -0.1989 1 DC D C6    
184 P P     . DG B 2 ? 1.2935 1.4884 1.2107 -0.1983 0.1395  -0.2238 2 DG D P     
185 O OP1   . DG B 2 ? 1.2875 1.4720 1.2168 -0.2008 0.1459  -0.2305 2 DG D OP1   
186 O OP2   . DG B 2 ? 1.1973 1.4312 1.1133 -0.2033 0.1360  -0.2208 2 DG D OP2   
187 O "O5'" . DG B 2 ? 1.3061 1.4553 1.2101 -0.1899 0.1371  -0.2168 2 DG D "O5'" 
188 C "C5'" . DG B 2 ? 1.0064 1.1173 0.9068 -0.1818 0.1370  -0.2149 2 DG D "C5'" 
189 C "C4'" . DG B 2 ? 0.9387 1.0036 0.8322 -0.1744 0.1356  -0.2096 2 DG D "C4'" 
190 O "O4'" . DG B 2 ? 0.8869 0.9215 0.7664 -0.1661 0.1284  -0.2026 2 DG D "O4'" 
191 C "C3'" . DG B 2 ? 0.6611 0.7288 0.5517 -0.1780 0.1346  -0.2086 2 DG D "C3'" 
192 O "O3'" . DG B 2 ? 0.8141 0.8424 0.7055 -0.1719 0.1353  -0.2056 2 DG D "O3'" 
193 C "C2'" . DG B 2 ? 0.6388 0.7059 0.5133 -0.1766 0.1261  -0.2024 2 DG D "C2'" 
194 C "C1'" . DG B 2 ? 0.7805 0.8129 0.6482 -0.1673 0.1219  -0.1982 2 DG D "C1'" 
195 N N9    . DG B 2 ? 0.7285 0.7770 0.5851 -0.1678 0.1157  -0.1949 2 DG D N9    
196 C C8    . DG B 2 ? 0.7167 0.8156 0.5769 -0.1741 0.1166  -0.1966 2 DG D C8    
197 N N7    . DG B 2 ? 0.6679 0.7722 0.5160 -0.1721 0.1094  -0.1906 2 DG D N7    
198 C C5    . DG B 2 ? 0.6521 0.7038 0.4905 -0.1636 0.1022  -0.1834 2 DG D C5    
199 C C6    . DG B 2 ? 0.7311 0.7620 0.5657 -0.1536 0.0886  -0.1656 2 DG D C6    
200 O O6    . DG B 2 ? 0.8178 0.8746 0.6536 -0.1517 0.0814  -0.1554 2 DG D O6    
201 N N1    . DG B 2 ? 0.6900 0.6636 0.5187 -0.1451 0.0832  -0.1600 2 DG D N1    
202 C C2    . DG B 2 ? 0.5344 0.4750 0.3611 -0.1462 0.0899  -0.1703 2 DG D C2    
203 N N2    . DG B 2 ? 0.5317 0.4172 0.3520 -0.1369 0.0826  -0.1626 2 DG D N2    
204 N N3    . DG B 2 ? 0.5343 0.4962 0.3705 -0.1528 0.1010  -0.1817 2 DG D N3    
205 C C4    . DG B 2 ? 0.5987 0.6149 0.4402 -0.1615 0.1066  -0.1877 2 DG D C4    
206 P P     . DT B 3 ? 1.1304 1.1562 1.0228 -0.1755 0.1361  -0.2056 3 DT D P     
207 O OP1   . DT B 3 ? 1.1855 1.1892 1.0873 -0.1714 0.1405  -0.2054 3 DT D OP1   
208 O OP2   . DT B 3 ? 1.1086 1.1838 1.0037 -0.1864 0.1385  -0.2106 3 DT D OP2   
209 O "O5'" . DT B 3 ? 0.9437 0.9328 0.8213 -0.1691 0.1254  -0.1972 3 DT D "O5'" 
210 C "C5'" . DT B 3 ? 0.8047 0.7467 0.6783 -0.1563 0.1191  -0.1888 3 DT D "C5'" 
211 C "C4'" . DT B 3 ? 0.7394 0.6540 0.5995 -0.1527 0.1066  -0.1803 3 DT D "C4'" 
212 O "O4'" . DT B 3 ? 0.7350 0.6746 0.5859 -0.1577 0.1046  -0.1825 3 DT D "O4'" 
213 C "C3'" . DT B 3 ? 0.8874 0.7974 0.7468 -0.1574 0.0994  -0.1750 3 DT D "C3'" 
214 O "O3'" . DT B 3 ? 0.9916 0.8479 0.8493 -0.1471 0.0895  -0.1640 3 DT D "O3'" 
215 C "C2'" . DT B 3 ? 0.7327 0.6799 0.5971 -0.1548 0.0881  -0.1563 3 DT D "C2'" 
216 C "C1'" . DT B 3 ? 0.8054 0.7438 0.6584 -0.1524 0.0890  -0.1615 3 DT D "C1'" 
217 N N1    . DT B 3 ? 0.7513 0.7350 0.6068 -0.1535 0.0844  -0.1530 3 DT D N1    
218 C C2    . DT B 3 ? 0.6791 0.6489 0.5308 -0.1444 0.0712  -0.1363 3 DT D C2    
219 O O2    . DT B 3 ? 0.6076 0.5296 0.4539 -0.1354 0.0630  -0.1280 3 DT D O2    
220 N N3    . DT B 3 ? 0.7066 0.7205 0.5609 -0.1462 0.0677  -0.1296 3 DT D N3    
221 C C4    . DT B 3 ? 0.7535 0.8225 0.6133 -0.1558 0.0757  -0.1378 3 DT D C4    
222 O O4    . DT B 3 ? 0.6683 0.7736 0.5299 -0.1565 0.0713  -0.1308 3 DT D O4    
223 C C5    . DT B 3 ? 0.7226 0.8029 0.5856 -0.1649 0.0894  -0.1554 3 DT D C5    
224 C C7    . DT B 3 ? 0.7300 0.8677 0.5979 -0.1755 0.0988  -0.1657 3 DT D C7    
225 C C6    . DT B 3 ? 0.7227 0.7605 0.5835 -0.1633 0.0931  -0.1620 3 DT D C6    
226 P P     . DA B 4 ? 1.0088 0.8526 0.8775 -0.1440 0.0799  -0.1491 4 DA D P     
227 O OP1   . DA B 4 ? 1.1220 0.9366 0.9956 -0.1364 0.0830  -0.1513 4 DA D OP1   
228 O OP2   . DA B 4 ? 0.9566 0.8553 0.8378 -0.1502 0.0803  -0.1426 4 DA D OP2   
229 O "O5'" . DA B 4 ? 0.8893 0.7037 0.7563 -0.1315 0.0607  -0.1252 4 DA D "O5'" 
230 C "C5'" . DA B 4 ? 0.7967 0.5715 0.6501 -0.1247 0.0576  -0.1267 4 DA D "C5'" 
231 C "C4'" . DA B 4 ? 0.6253 0.3939 0.4788 -0.1148 0.0401  -0.1029 4 DA D "C4'" 
232 O "O4'" . DA B 4 ? 0.7629 0.5777 0.6167 -0.1182 0.0409  -0.1009 4 DA D "O4'" 
233 C "C3'" . DA B 4 ? 0.5300 0.3009 0.3965 -0.1101 0.0260  -0.0810 4 DA D "C3'" 
234 O "O3'" . DA B 4 ? 0.6585 0.3820 0.5206 -0.0984 0.0111  -0.0652 4 DA D "O3'" 
235 C "C2'" . DA B 4 ? 0.6123 0.4407 0.4870 -0.1133 0.0224  -0.0699 4 DA D "C2'" 
236 C "C1'" . DA B 4 ? 0.7854 0.6241 0.6489 -0.1143 0.0270  -0.0783 4 DA D "C1'" 
237 N N9    . DA B 4 ? 0.6364 0.5354 0.5047 -0.1221 0.0323  -0.0807 4 DA D N9    
238 C C8    . DA B 4 ? 0.6301 0.5679 0.5032 -0.1330 0.0461  -0.0963 4 DA D C8    
239 N N7    . DA B 4 ? 0.6552 0.6437 0.5315 -0.1379 0.0475  -0.0949 4 DA D N7    
240 C C5    . DA B 4 ? 0.5476 0.5307 0.4214 -0.1297 0.0338  -0.0772 4 DA D C5    
241 C C6    . DA B 4 ? 0.5471 0.5689 0.4223 -0.1296 0.0280  -0.0672 4 DA D C6    
242 N N6    . DA B 4 ? 0.4344 0.5101 0.3137 -0.1383 0.0355  -0.0742 4 DA D N6    
243 N N1    . DA B 4 ? 0.5462 0.5489 0.4179 -0.1199 0.0141  -0.0497 4 DA D N1    
244 C C2    . DA B 4 ? 0.4756 0.4238 0.3426 -0.1111 0.0064  -0.0429 4 DA D C2    
245 N N3    . DA B 4 ? 0.5438 0.4513 0.4088 -0.1101 0.0104  -0.0509 4 DA D N3    
246 C C4    . DA B 4 ? 0.5723 0.5004 0.4411 -0.1199 0.0245  -0.0682 4 DA D C4    
247 P P     . DT B 5 ? 0.7680 0.4755 0.6422 -0.0916 -0.0041 -0.0440 5 DT D P     
248 O OP1   . DT B 5 ? 0.8908 0.5540 0.7677 -0.0782 -0.0103 -0.0404 5 DT D OP1   
249 O OP2   . DT B 5 ? 0.7704 0.5138 0.6587 -0.0999 0.0028  -0.0474 5 DT D OP2   
250 O "O5'" . DT B 5 ? 0.6520 0.3815 0.5300 -0.0857 -0.0191 -0.0208 5 DT D "O5'" 
251 C "C5'" . DT B 5 ? 0.8383 0.5517 0.7040 -0.0795 -0.0244 -0.0169 5 DT D "C5'" 
252 C "C4'" . DT B 5 ? 0.8210 0.5726 0.6923 -0.0774 -0.0348 0.0015  5 DT D "C4'" 
253 O "O4'" . DT B 5 ? 0.8174 0.6266 0.6924 -0.0876 -0.0235 -0.0084 5 DT D "O4'" 
254 C "C3'" . DT B 5 ? 0.6095 0.3677 0.4949 -0.0727 -0.0492 0.0245  5 DT D "C3'" 
255 O "O3'" . DT B 5 ? 0.6809 0.4148 0.5627 -0.0617 -0.0658 0.0441  5 DT D "O3'" 
256 C "C2'" . DT B 5 ? 0.4646 0.2883 0.3610 -0.0808 -0.0449 0.0267  5 DT D "C2'" 
257 C "C1'" . DT B 5 ? 0.6621 0.5101 0.5482 -0.0869 -0.0331 0.0102  5 DT D "C1'" 
258 N N1    . DT B 5 ? 0.5724 0.4778 0.4652 -0.0982 -0.0211 -0.0004 5 DT D N1    
259 C C2    . DT B 5 ? 0.6036 0.5542 0.4973 -0.1006 -0.0226 0.0051  5 DT D C2    
260 O O2    . DT B 5 ? 0.5650 0.5116 0.4548 -0.0939 -0.0332 0.0183  5 DT D O2    
261 N N3    . DT B 5 ? 0.5070 0.5075 0.4062 -0.1110 -0.0113 -0.0056 5 DT D N3    
262 C C4    . DT B 5 ? 0.6573 0.6670 0.5609 -0.1191 0.0013  -0.0206 5 DT D C4    
263 O O4    . DT B 5 ? 0.6835 0.7391 0.5913 -0.1280 0.0108  -0.0294 5 DT D O4    
264 C C5    . DT B 5 ? 0.5726 0.5336 0.4755 -0.1162 0.0024  -0.0255 5 DT D C5    
265 C C7    . DT B 5 ? 0.5648 0.5307 0.4726 -0.1243 0.0157  -0.0417 5 DT D C7    
266 C C6    . DT B 5 ? 0.5973 0.5090 0.4948 -0.1059 -0.0088 -0.0154 5 DT D C6    
267 P P     . DA B 6 ? 0.8720 0.6053 0.7670 -0.0547 -0.0835 0.0706  6 DA D P     
268 O OP1   . DA B 6 ? 0.7480 0.4414 0.6406 -0.0409 -0.0928 0.0779  6 DA D OP1   
269 O OP2   . DA B 6 ? 0.8294 0.5788 0.7388 -0.0602 -0.0795 0.0694  6 DA D OP2   
270 O "O5'" . DA B 6 ? 0.8446 0.6285 0.7435 -0.0556 -0.0886 0.0833  6 DA D "O5'" 
271 C "C5'" . DA B 6 ? 0.8423 0.6250 0.7294 -0.0522 -0.0908 0.0841  6 DA D "C5'" 
272 C "C4'" . DA B 6 ? 0.8505 0.6804 0.7440 -0.0523 -0.0982 0.0997  6 DA D "C4'" 
273 O "O4'" . DA B 6 ? 0.7862 0.6710 0.6839 -0.0635 -0.0850 0.0872  6 DA D "O4'" 
274 C "C3'" . DA B 6 ? 0.8716 0.7085 0.7790 -0.0473 -0.1129 0.1234  6 DA D "C3'" 
275 O "O3'" . DA B 6 ? 0.8982 0.7527 0.8054 -0.0420 -0.1246 0.1412  6 DA D "O3'" 
276 C "C2'" . DA B 6 ? 0.8113 0.6949 0.7311 -0.0573 -0.1032 0.1176  6 DA D "C2'" 
277 C "C1'" . DA B 6 ? 0.5988 0.5197 0.5114 -0.0660 -0.0891 0.0996  6 DA D "C1'" 
278 N N9    . DA B 6 ? 0.6095 0.5587 0.5271 -0.0769 -0.0735 0.0820  6 DA D N9    
279 C C8    . DA B 6 ? 0.6472 0.5724 0.5661 -0.0800 -0.0651 0.0688  6 DA D C8    
280 N N7    . DA B 6 ? 0.6597 0.6200 0.5829 -0.0904 -0.0512 0.0542  6 DA D N7    
281 C C5    . DA B 6 ? 0.5476 0.5584 0.4722 -0.0942 -0.0507 0.0580  6 DA D C5    
282 C C6    . DA B 6 ? 0.6262 0.6905 0.5543 -0.1043 -0.0394 0.0478  6 DA D C6    
283 N N6    . DA B 6 ? 0.6921 0.7681 0.6234 -0.1129 -0.0256 0.0311  6 DA D N6    
284 N N1    . DA B 6 ? 0.6348 0.7397 0.5628 -0.1053 -0.0429 0.0554  6 DA D N1    
285 C C2    . DA B 6 ? 0.5626 0.6556 0.4876 -0.0967 -0.0567 0.0721  6 DA D C2    
286 N N3    . DA B 6 ? 0.5010 0.5456 0.4225 -0.0867 -0.0681 0.0830  6 DA D N3    
287 C C4    . DA B 6 ? 0.5261 0.5308 0.4473 -0.0860 -0.0644 0.0750  6 DA D C4    
288 P P     . DC B 7 ? 0.8881 0.7539 0.8135 -0.0332 -0.1339 0.1576  7 DC D P     
289 O OP1   . DC B 7 ? 0.8173 0.6897 0.7442 -0.0235 -0.1317 0.1550  7 DC D OP1   
290 O OP2   . DC B 7 ? 0.9316 0.7715 0.8677 -0.0284 -0.1298 0.1501  7 DC D OP2   
291 O "O5'" . DC B 7 ? 0.8468 0.7666 0.7795 -0.0430 -0.1378 0.1716  7 DC D "O5'" 
292 C "C5'" . DC B 7 ? 0.7368 0.7024 0.6668 -0.0468 -0.1353 0.1716  7 DC D "C5'" 
293 C "C4'" . DC B 7 ? 0.6598 0.6809 0.6022 -0.0543 -0.1309 0.1746  7 DC D "C4'" 
294 O "O4'" . DC B 7 ? 0.7307 0.7674 0.6737 -0.0646 -0.1137 0.1527  7 DC D "O4'" 
295 C "C3'" . DC B 7 ? 0.6500 0.6726 0.6076 -0.0503 -0.1414 0.1942  7 DC D "C3'" 
296 O "O3'" . DC B 7 ? 0.6551 0.7194 0.6225 -0.0491 -0.1404 0.1993  7 DC D "O3'" 
297 C "C2'" . DC B 7 ? 0.6894 0.7219 0.6551 -0.0585 -0.1294 0.1816  7 DC D "C2'" 
298 C "C1'" . DC B 7 ? 0.7081 0.7711 0.6651 -0.0683 -0.1129 0.1590  7 DC D "C1'" 
299 N N1    . DC B 7 ? 0.6372 0.6973 0.5955 -0.0764 -0.0976 0.1385  7 DC D N1    
300 C C2    . DC B 7 ? 0.5275 0.6340 0.4865 -0.0871 -0.0833 0.1236  7 DC D C2    
301 O O2    . DC B 7 ? 0.5342 0.6833 0.4928 -0.0897 -0.0838 0.1277  7 DC D O2    
302 N N3    . DC B 7 ? 0.5707 0.6738 0.5306 -0.0944 -0.0695 0.1050  7 DC D N3    
303 C C4    . DC B 7 ? 0.6335 0.6899 0.5938 -0.0912 -0.0696 0.1010  7 DC D C4    
304 N N4    . DC B 7 ? 0.6240 0.6793 0.5854 -0.0986 -0.0557 0.0825  7 DC D N4    
305 C C5    . DC B 7 ? 0.5417 0.5501 0.5011 -0.0803 -0.0843 0.1159  7 DC D C5    
306 C C6    . DC B 7 ? 0.6110 0.6231 0.5694 -0.0732 -0.0979 0.1342  7 DC D C6    
307 P P     . DG B 8 ? 0.7871 0.8476 0.7729 -0.0407 -0.1401 0.2030  8 DG D P     
308 O OP1   . DG B 8 ? 0.9189 1.0040 0.9067 -0.0375 -0.1388 0.2043  8 DG D OP1   
309 O OP2   . DG B 8 ? 0.6452 0.6556 0.6325 -0.0315 -0.1395 0.1955  8 DG D OP2   
310 O "O5'" . DG B 8 ? 0.3828 0.4750 0.3794 -0.0496 -0.1403 0.2121  8 DG D "O5'" 
311 C "C5'" . DG B 8 ? 0.4956 0.6429 0.4884 -0.0609 -0.1381 0.2157  8 DG D "C5'" 
312 C "C4'" . DG B 8 ? 0.4874 0.6610 0.4924 -0.0669 -0.1365 0.2226  8 DG D "C4'" 
313 O "O4'" . DG B 8 ? 0.5831 0.7207 0.5904 -0.0681 -0.1302 0.2111  8 DG D "O4'" 
314 C "C3'" . DG B 8 ? 0.4865 0.6573 0.5094 -0.0599 -0.1372 0.2299  8 DG D "C3'" 
315 O "O3'" . DG B 8 ? 0.5531 0.7748 0.5808 -0.0646 -0.1337 0.2346  8 DG D "O3'" 
316 C "C2'" . DG B 8 ? 0.5687 0.7217 0.6021 -0.0609 -0.1386 0.2344  8 DG D "C2'" 
317 C "C1'" . DG B 8 ? 0.3888 0.5064 0.4096 -0.0624 -0.1404 0.2280  8 DG D "C1'" 
318 N N9    . DG B 8 ? 0.3844 0.4461 0.4040 -0.0512 -0.1417 0.2192  8 DG D N9    
319 C C8    . DG B 8 ? 0.6035 0.6497 0.6285 -0.0409 -0.1411 0.2150  8 DG D C8    
320 N N7    . DG B 8 ? 0.6852 0.6884 0.7043 -0.0328 -0.1401 0.2039  8 DG D N7    
321 C C5    . DG B 8 ? 0.3926 0.3763 0.4037 -0.0375 -0.1406 0.2008  8 DG D C5    
322 C C6    . DG B 8 ? 0.3995 0.3387 0.4021 -0.0325 -0.1383 0.1880  8 DG D C6    
323 O O6    . DG B 8 ? 0.6598 0.5746 0.6598 -0.0226 -0.1346 0.1771  8 DG D O6    
324 N N1    . DG B 8 ? 0.4316 0.3581 0.4260 -0.0409 -0.1389 0.1879  8 DG D N1    
325 C C2    . DG B 8 ? 0.4064 0.3673 0.4001 -0.0533 -0.1361 0.1923  8 DG D C2    
326 N N2    . DG B 8 ? 0.5674 0.5160 0.5545 -0.0595 -0.1220 0.1695  8 DG D N2    
327 N N3    . DG B 8 ? 0.3969 0.4089 0.3990 -0.0578 -0.1349 0.1998  8 DG D N3    
328 C C4    . DG B 8 ? 0.3996 0.4172 0.4098 -0.0495 -0.1421 0.2108  8 DG D C4    
# 
